data_2YTJ
#
_entry.id   2YTJ
#
loop_
_entity.id
_entity.type
_entity.pdbx_description
1 polymer 'Zinc finger protein 484'
2 non-polymer 'ZINC ION'
#
_entity_poly.entity_id   1
_entity_poly.type   'polypeptide(L)'
_entity_poly.pdbx_seq_one_letter_code
;GSSGSSGTGEKPYICAECGKAFTIRSNLIKHQKIHTKQKPSGPSSG
;
_entity_poly.pdbx_strand_id   A
#
# COMPACT_ATOMS: atom_id res chain seq x y z
N GLY A 1 8.70 5.82 14.21
CA GLY A 1 8.82 5.35 15.58
C GLY A 1 8.48 6.43 16.59
N SER A 2 7.59 6.09 17.53
CA SER A 2 7.18 7.04 18.57
C SER A 2 7.24 6.39 19.94
N SER A 3 7.49 7.21 20.96
CA SER A 3 7.57 6.72 22.33
C SER A 3 6.22 6.18 22.80
N GLY A 4 6.21 4.93 23.23
CA GLY A 4 4.97 4.32 23.70
C GLY A 4 4.45 3.27 22.73
N SER A 5 3.56 3.69 21.84
CA SER A 5 2.97 2.77 20.86
C SER A 5 2.49 3.54 19.63
N SER A 6 2.63 2.92 18.46
CA SER A 6 2.21 3.53 17.21
C SER A 6 0.72 3.87 17.25
N GLY A 7 0.27 4.66 16.28
CA GLY A 7 -1.13 5.04 16.22
C GLY A 7 -1.32 6.54 16.21
N THR A 8 -0.76 7.21 17.21
CA THR A 8 -0.88 8.66 17.32
C THR A 8 0.04 9.36 16.33
N GLY A 9 -0.48 9.66 15.14
CA GLY A 9 0.31 10.33 14.12
C GLY A 9 0.83 9.37 13.08
N GLU A 10 0.13 9.30 11.94
CA GLU A 10 0.53 8.41 10.86
C GLU A 10 0.25 9.05 9.50
N LYS A 11 1.00 8.63 8.49
CA LYS A 11 0.82 9.17 7.14
C LYS A 11 -0.65 9.43 6.84
N PRO A 12 -0.91 10.43 5.99
CA PRO A 12 -2.27 10.81 5.60
C PRO A 12 -2.94 9.76 4.73
N TYR A 13 -2.14 8.80 4.25
CA TYR A 13 -2.65 7.74 3.39
C TYR A 13 -1.89 6.44 3.62
N ILE A 14 -2.63 5.34 3.77
CA ILE A 14 -2.02 4.04 3.99
C ILE A 14 -2.78 2.94 3.25
N CYS A 15 -2.08 2.23 2.38
CA CYS A 15 -2.69 1.16 1.60
C CYS A 15 -3.25 0.07 2.52
N ALA A 16 -4.17 -0.73 1.99
CA ALA A 16 -4.78 -1.79 2.75
C ALA A 16 -4.37 -3.17 2.21
N GLU A 17 -4.12 -3.24 0.91
CA GLU A 17 -3.72 -4.48 0.27
C GLU A 17 -2.53 -5.10 1.00
N CYS A 18 -1.58 -4.27 1.39
CA CYS A 18 -0.39 -4.73 2.09
C CYS A 18 -0.19 -3.96 3.39
N GLY A 19 -0.36 -2.65 3.33
CA GLY A 19 -0.19 -1.82 4.51
C GLY A 19 0.98 -0.87 4.41
N LYS A 20 1.06 -0.17 3.28
CA LYS A 20 2.15 0.77 3.05
C LYS A 20 1.71 2.20 3.38
N ALA A 21 2.65 3.13 3.34
CA ALA A 21 2.36 4.53 3.63
C ALA A 21 2.82 5.44 2.49
N PHE A 22 2.15 6.57 2.33
CA PHE A 22 2.49 7.52 1.29
C PHE A 22 2.16 8.94 1.72
N THR A 23 2.62 9.92 0.93
CA THR A 23 2.39 11.33 1.23
C THR A 23 1.46 11.96 0.19
N ILE A 24 1.74 11.68 -1.08
CA ILE A 24 0.93 12.22 -2.16
C ILE A 24 -0.20 11.26 -2.54
N ARG A 25 -1.44 11.75 -2.43
CA ARG A 25 -2.60 10.93 -2.76
C ARG A 25 -2.35 10.11 -4.02
N SER A 26 -1.71 10.73 -5.01
CA SER A 26 -1.41 10.06 -6.27
C SER A 26 -0.37 8.96 -6.06
N ASN A 27 0.74 9.33 -5.44
CA ASN A 27 1.82 8.37 -5.18
C ASN A 27 1.26 7.04 -4.68
N LEU A 28 0.17 7.11 -3.93
CA LEU A 28 -0.46 5.91 -3.38
C LEU A 28 -1.21 5.16 -4.47
N ILE A 29 -2.01 5.88 -5.24
CA ILE A 29 -2.79 5.29 -6.32
C ILE A 29 -1.92 4.40 -7.20
N LYS A 30 -0.81 4.96 -7.68
CA LYS A 30 0.11 4.22 -8.53
C LYS A 30 0.43 2.85 -7.94
N HIS A 31 0.74 2.83 -6.64
CA HIS A 31 1.05 1.59 -5.96
C HIS A 31 -0.09 0.58 -6.10
N GLN A 32 -1.29 0.99 -5.70
CA GLN A 32 -2.46 0.13 -5.79
C GLN A 32 -2.43 -0.72 -7.06
N LYS A 33 -1.77 -0.20 -8.09
CA LYS A 33 -1.65 -0.90 -9.36
C LYS A 33 -0.99 -2.26 -9.17
N ILE A 34 0.13 -2.28 -8.45
CA ILE A 34 0.86 -3.52 -8.19
C ILE A 34 -0.03 -4.53 -7.48
N HIS A 35 -1.19 -4.08 -7.00
CA HIS A 35 -2.12 -4.96 -6.30
C HIS A 35 -3.24 -5.41 -7.24
N THR A 36 -3.05 -5.17 -8.54
CA THR A 36 -4.04 -5.56 -9.53
C THR A 36 -3.44 -6.50 -10.56
N LYS A 37 -3.37 -7.78 -10.22
CA LYS A 37 -2.81 -8.78 -11.13
C LYS A 37 -3.50 -8.73 -12.48
N GLN A 38 -2.81 -9.21 -13.51
CA GLN A 38 -3.36 -9.23 -14.86
C GLN A 38 -3.13 -10.57 -15.53
N LYS A 39 -4.01 -11.53 -15.26
CA LYS A 39 -3.91 -12.86 -15.83
C LYS A 39 -3.35 -12.80 -17.25
N PRO A 40 -2.54 -13.80 -17.61
CA PRO A 40 -1.93 -13.88 -18.94
C PRO A 40 -2.95 -14.19 -20.03
N SER A 41 -2.52 -14.12 -21.28
CA SER A 41 -3.39 -14.38 -22.41
C SER A 41 -3.18 -15.80 -22.94
N GLY A 42 -3.99 -16.73 -22.45
CA GLY A 42 -3.88 -18.12 -22.89
C GLY A 42 -3.91 -19.09 -21.72
N PRO A 43 -3.37 -20.31 -21.95
CA PRO A 43 -3.34 -21.35 -20.93
C PRO A 43 -2.37 -21.03 -19.80
N SER A 44 -2.78 -21.30 -18.57
CA SER A 44 -1.93 -21.04 -17.41
C SER A 44 -0.51 -21.51 -17.64
N SER A 45 -0.35 -22.81 -17.87
CA SER A 45 0.96 -23.40 -18.11
C SER A 45 0.97 -24.20 -19.40
N GLY A 46 1.88 -23.85 -20.31
CA GLY A 46 1.98 -24.54 -21.57
C GLY A 46 1.73 -23.63 -22.76
N GLY A 1 2.43 -10.57 25.21
CA GLY A 1 1.84 -9.68 26.18
C GLY A 1 1.46 -8.34 25.58
N SER A 2 2.24 -7.30 25.90
CA SER A 2 1.98 -5.96 25.39
C SER A 2 3.01 -5.57 24.33
N SER A 3 2.60 -4.72 23.40
CA SER A 3 3.49 -4.27 22.33
C SER A 3 3.40 -2.75 22.15
N GLY A 4 4.50 -2.14 21.75
CA GLY A 4 4.54 -0.70 21.55
C GLY A 4 4.66 -0.32 20.09
N SER A 5 4.77 0.97 19.83
CA SER A 5 4.89 1.46 18.46
C SER A 5 5.35 2.92 18.45
N SER A 6 6.14 3.28 17.44
CA SER A 6 6.66 4.63 17.31
C SER A 6 6.62 5.09 15.85
N GLY A 7 6.32 6.37 15.65
CA GLY A 7 6.27 6.91 14.30
C GLY A 7 6.44 8.41 14.27
N THR A 8 6.71 8.96 13.09
CA THR A 8 6.90 10.39 12.93
C THR A 8 6.60 10.84 11.50
N GLY A 9 5.87 11.94 11.36
CA GLY A 9 5.53 12.45 10.05
C GLY A 9 4.03 12.45 9.80
N GLU A 10 3.62 13.07 8.69
CA GLU A 10 2.21 13.15 8.34
C GLU A 10 1.91 12.32 7.10
N LYS A 11 1.36 11.13 7.31
CA LYS A 11 1.03 10.24 6.20
C LYS A 11 -0.45 9.83 6.26
N PRO A 12 -1.32 10.74 5.79
CA PRO A 12 -2.77 10.50 5.76
C PRO A 12 -3.17 9.44 4.75
N TYR A 13 -2.18 8.91 4.04
CA TYR A 13 -2.43 7.88 3.03
C TYR A 13 -1.72 6.59 3.38
N ILE A 14 -2.47 5.49 3.40
CA ILE A 14 -1.91 4.18 3.72
C ILE A 14 -2.58 3.09 2.91
N CYS A 15 -1.78 2.36 2.13
CA CYS A 15 -2.29 1.28 1.30
C CYS A 15 -2.75 0.11 2.16
N ALA A 16 -3.94 0.23 2.74
CA ALA A 16 -4.49 -0.83 3.59
C ALA A 16 -4.28 -2.20 2.97
N GLU A 17 -4.52 -2.30 1.66
CA GLU A 17 -4.34 -3.56 0.94
C GLU A 17 -3.18 -4.35 1.52
N CYS A 18 -2.00 -3.75 1.54
CA CYS A 18 -0.80 -4.41 2.06
C CYS A 18 -0.36 -3.75 3.37
N GLY A 19 -0.28 -2.43 3.36
CA GLY A 19 0.14 -1.71 4.55
C GLY A 19 1.33 -0.81 4.31
N LYS A 20 1.23 0.02 3.28
CA LYS A 20 2.31 0.95 2.92
C LYS A 20 1.90 2.39 3.22
N ALA A 21 2.83 3.16 3.79
CA ALA A 21 2.57 4.55 4.12
C ALA A 21 3.02 5.47 2.99
N PHE A 22 2.15 6.40 2.61
CA PHE A 22 2.46 7.34 1.54
C PHE A 22 2.19 8.78 1.99
N THR A 23 2.55 9.73 1.14
CA THR A 23 2.35 11.14 1.44
C THR A 23 1.51 11.82 0.37
N ILE A 24 1.76 11.48 -0.89
CA ILE A 24 1.02 12.05 -2.01
C ILE A 24 -0.13 11.13 -2.44
N ARG A 25 -1.36 11.60 -2.26
CA ARG A 25 -2.53 10.81 -2.64
C ARG A 25 -2.29 10.07 -3.95
N SER A 26 -1.61 10.72 -4.87
CA SER A 26 -1.31 10.13 -6.17
C SER A 26 -0.35 8.96 -6.03
N ASN A 27 0.73 9.17 -5.27
CA ASN A 27 1.74 8.14 -5.05
C ASN A 27 1.07 6.81 -4.70
N LEU A 28 0.02 6.87 -3.90
CA LEU A 28 -0.70 5.67 -3.48
C LEU A 28 -1.47 5.07 -4.66
N ILE A 29 -2.28 5.89 -5.31
CA ILE A 29 -3.06 5.44 -6.45
C ILE A 29 -2.23 4.56 -7.38
N LYS A 30 -1.05 5.05 -7.75
CA LYS A 30 -0.16 4.30 -8.63
C LYS A 30 0.25 2.98 -8.00
N HIS A 31 0.63 3.02 -6.73
CA HIS A 31 1.04 1.82 -6.01
C HIS A 31 -0.02 0.73 -6.13
N GLN A 32 -1.27 1.11 -5.90
CA GLN A 32 -2.38 0.16 -5.98
C GLN A 32 -2.26 -0.73 -7.22
N LYS A 33 -1.52 -0.25 -8.21
CA LYS A 33 -1.31 -1.00 -9.44
C LYS A 33 -0.90 -2.43 -9.14
N ILE A 34 0.12 -2.59 -8.31
CA ILE A 34 0.61 -3.92 -7.94
C ILE A 34 -0.51 -4.78 -7.38
N HIS A 35 -1.59 -4.13 -6.95
CA HIS A 35 -2.73 -4.84 -6.38
C HIS A 35 -3.84 -5.00 -7.43
N THR A 36 -3.46 -4.89 -8.70
CA THR A 36 -4.42 -5.03 -9.79
C THR A 36 -4.02 -6.16 -10.73
N LYS A 37 -3.63 -7.30 -10.16
CA LYS A 37 -3.23 -8.45 -10.94
C LYS A 37 -4.29 -9.55 -10.88
N GLN A 38 -4.42 -10.30 -11.97
CA GLN A 38 -5.40 -11.38 -12.03
C GLN A 38 -5.36 -12.23 -10.78
N LYS A 39 -6.48 -12.88 -10.47
CA LYS A 39 -6.58 -13.73 -9.28
C LYS A 39 -6.15 -12.97 -8.03
N PRO A 40 -6.81 -11.82 -7.79
CA PRO A 40 -6.51 -10.98 -6.63
C PRO A 40 -6.97 -11.62 -5.33
N SER A 41 -6.45 -11.11 -4.21
CA SER A 41 -6.80 -11.64 -2.89
C SER A 41 -8.27 -11.37 -2.58
N GLY A 42 -8.73 -11.91 -1.45
CA GLY A 42 -10.11 -11.71 -1.06
C GLY A 42 -10.36 -12.09 0.39
N PRO A 43 -11.35 -11.44 1.02
CA PRO A 43 -11.70 -11.69 2.42
C PRO A 43 -12.35 -13.06 2.62
N SER A 44 -11.60 -13.97 3.23
CA SER A 44 -12.10 -15.33 3.48
C SER A 44 -12.98 -15.36 4.72
N SER A 45 -13.85 -16.37 4.80
CA SER A 45 -14.75 -16.51 5.93
C SER A 45 -14.87 -17.97 6.35
N GLY A 46 -15.16 -18.19 7.63
CA GLY A 46 -15.29 -19.54 8.15
C GLY A 46 -16.48 -19.71 9.05
N GLY A 1 13.81 -2.00 26.07
CA GLY A 1 13.45 -1.99 24.67
C GLY A 1 14.12 -0.88 23.90
N SER A 2 14.29 -1.08 22.59
CA SER A 2 14.94 -0.08 21.74
C SER A 2 13.91 0.59 20.84
N SER A 3 13.33 1.68 21.32
CA SER A 3 12.32 2.41 20.55
C SER A 3 12.23 3.86 21.02
N GLY A 4 12.25 4.79 20.07
CA GLY A 4 12.18 6.20 20.41
C GLY A 4 10.91 6.86 19.88
N SER A 5 10.62 8.06 20.37
CA SER A 5 9.43 8.78 19.94
C SER A 5 9.70 9.57 18.66
N SER A 6 9.00 9.20 17.59
CA SER A 6 9.17 9.87 16.30
C SER A 6 7.84 9.94 15.56
N GLY A 7 7.48 11.15 15.13
CA GLY A 7 6.23 11.33 14.39
C GLY A 7 6.34 10.87 12.95
N THR A 8 5.99 11.76 12.03
CA THR A 8 6.03 11.45 10.60
C THR A 8 5.64 9.99 10.35
N GLY A 9 4.61 9.54 11.06
CA GLY A 9 4.14 8.18 10.90
C GLY A 9 2.70 8.10 10.44
N GLU A 10 1.85 8.95 11.02
CA GLU A 10 0.44 8.97 10.68
C GLU A 10 0.22 9.64 9.33
N LYS A 11 0.29 8.85 8.26
CA LYS A 11 0.10 9.36 6.91
C LYS A 11 -1.38 9.44 6.56
N PRO A 12 -1.74 10.40 5.71
CA PRO A 12 -3.12 10.61 5.27
C PRO A 12 -3.61 9.49 4.36
N TYR A 13 -2.68 8.71 3.84
CA TYR A 13 -3.01 7.60 2.94
C TYR A 13 -2.11 6.41 3.19
N ILE A 14 -2.71 5.27 3.47
CA ILE A 14 -1.95 4.03 3.73
C ILE A 14 -2.61 2.84 3.05
N CYS A 15 -1.88 2.22 2.12
CA CYS A 15 -2.39 1.06 1.41
C CYS A 15 -2.84 -0.03 2.38
N ALA A 16 -4.04 -0.56 2.13
CA ALA A 16 -4.58 -1.61 2.98
C ALA A 16 -4.27 -3.00 2.42
N GLU A 17 -3.98 -3.05 1.13
CA GLU A 17 -3.67 -4.32 0.47
C GLU A 17 -2.42 -4.95 1.09
N CYS A 18 -1.42 -4.12 1.38
CA CYS A 18 -0.18 -4.60 1.96
C CYS A 18 0.07 -3.94 3.32
N GLY A 19 -0.07 -2.61 3.36
CA GLY A 19 0.14 -1.89 4.61
C GLY A 19 1.27 -0.88 4.49
N LYS A 20 1.40 -0.27 3.32
CA LYS A 20 2.46 0.72 3.09
C LYS A 20 1.95 2.13 3.38
N ALA A 21 2.87 3.08 3.47
CA ALA A 21 2.52 4.46 3.75
C ALA A 21 2.92 5.38 2.58
N PHE A 22 2.18 6.46 2.41
CA PHE A 22 2.45 7.41 1.34
C PHE A 22 2.17 8.84 1.79
N THR A 23 2.61 9.81 0.99
CA THR A 23 2.40 11.21 1.31
C THR A 23 1.46 11.87 0.30
N ILE A 24 1.68 11.58 -0.98
CA ILE A 24 0.85 12.14 -2.04
C ILE A 24 -0.16 11.12 -2.55
N ARG A 25 -1.41 11.55 -2.69
CA ARG A 25 -2.47 10.67 -3.16
C ARG A 25 -2.02 9.88 -4.39
N SER A 26 -1.39 10.57 -5.33
CA SER A 26 -0.92 9.94 -6.56
C SER A 26 0.15 8.90 -6.24
N ASN A 27 0.98 9.18 -5.24
CA ASN A 27 2.04 8.26 -4.84
C ASN A 27 1.46 6.91 -4.43
N LEU A 28 0.28 6.94 -3.83
CA LEU A 28 -0.39 5.72 -3.39
C LEU A 28 -1.25 5.14 -4.50
N ILE A 29 -1.91 6.01 -5.25
CA ILE A 29 -2.77 5.58 -6.35
C ILE A 29 -1.98 4.81 -7.39
N LYS A 30 -0.72 5.18 -7.57
CA LYS A 30 0.14 4.52 -8.54
C LYS A 30 0.69 3.21 -7.98
N HIS A 31 0.54 3.02 -6.67
CA HIS A 31 1.03 1.81 -6.01
C HIS A 31 -0.10 0.78 -5.90
N GLN A 32 -1.17 1.15 -5.22
CA GLN A 32 -2.30 0.25 -5.04
C GLN A 32 -2.56 -0.56 -6.30
N LYS A 33 -2.20 0.01 -7.44
CA LYS A 33 -2.39 -0.67 -8.73
C LYS A 33 -1.68 -2.02 -8.74
N ILE A 34 -0.44 -2.03 -8.30
CA ILE A 34 0.35 -3.26 -8.26
C ILE A 34 -0.50 -4.43 -7.77
N HIS A 35 -1.51 -4.13 -6.96
CA HIS A 35 -2.39 -5.15 -6.43
C HIS A 35 -3.50 -5.49 -7.42
N THR A 36 -4.00 -4.47 -8.11
CA THR A 36 -5.07 -4.66 -9.10
C THR A 36 -4.72 -5.78 -10.06
N LYS A 37 -5.76 -6.48 -10.54
CA LYS A 37 -5.57 -7.58 -11.48
C LYS A 37 -4.69 -8.66 -10.87
N GLN A 38 -4.99 -9.04 -9.64
CA GLN A 38 -4.22 -10.07 -8.95
C GLN A 38 -4.90 -11.44 -9.08
N LYS A 39 -6.16 -11.50 -8.67
CA LYS A 39 -6.93 -12.74 -8.74
C LYS A 39 -7.18 -13.14 -10.18
N PRO A 40 -7.15 -14.45 -10.46
CA PRO A 40 -7.37 -15.00 -11.79
C PRO A 40 -8.82 -14.84 -12.23
N SER A 41 -9.08 -13.91 -13.16
CA SER A 41 -10.41 -13.67 -13.66
C SER A 41 -10.54 -14.12 -15.11
N GLY A 42 -11.76 -14.03 -15.65
CA GLY A 42 -11.99 -14.44 -17.01
C GLY A 42 -11.76 -13.31 -18.00
N PRO A 43 -12.35 -13.42 -19.19
CA PRO A 43 -12.22 -12.41 -20.24
C PRO A 43 -12.95 -11.12 -19.90
N SER A 44 -12.53 -10.02 -20.52
CA SER A 44 -13.15 -8.72 -20.28
C SER A 44 -13.58 -8.06 -21.59
N SER A 45 -14.19 -6.90 -21.48
CA SER A 45 -14.65 -6.16 -22.66
C SER A 45 -14.38 -4.67 -22.52
N GLY A 46 -14.47 -3.95 -23.62
CA GLY A 46 -14.24 -2.52 -23.60
C GLY A 46 -15.36 -1.75 -22.94
N GLY A 1 8.12 7.40 20.70
CA GLY A 1 6.85 8.07 20.89
C GLY A 1 5.91 7.87 19.72
N SER A 2 4.62 7.79 20.00
CA SER A 2 3.62 7.59 18.98
C SER A 2 3.06 8.93 18.48
N SER A 3 3.18 9.17 17.18
CA SER A 3 2.69 10.41 16.59
C SER A 3 1.41 10.17 15.82
N GLY A 4 0.36 10.92 16.17
CA GLY A 4 -0.92 10.77 15.50
C GLY A 4 -1.85 11.93 15.78
N SER A 5 -2.38 11.99 17.00
CA SER A 5 -3.29 13.06 17.38
C SER A 5 -2.79 14.41 16.88
N SER A 6 -1.50 14.66 17.04
CA SER A 6 -0.90 15.91 16.61
C SER A 6 0.08 15.68 15.45
N GLY A 7 -0.18 16.33 14.33
CA GLY A 7 0.68 16.18 13.17
C GLY A 7 0.22 17.03 11.99
N THR A 8 1.02 18.02 11.62
CA THR A 8 0.69 18.90 10.51
C THR A 8 0.36 18.10 9.26
N GLY A 9 0.79 16.84 9.23
CA GLY A 9 0.54 15.99 8.08
C GLY A 9 1.69 15.07 7.78
N GLU A 10 1.50 13.77 8.01
CA GLU A 10 2.53 12.78 7.75
C GLU A 10 1.92 11.42 7.42
N LYS A 11 2.14 10.98 6.18
CA LYS A 11 1.61 9.70 5.73
C LYS A 11 0.12 9.57 6.06
N PRO A 12 -0.66 10.58 5.66
CA PRO A 12 -2.11 10.62 5.89
C PRO A 12 -2.84 9.58 5.07
N TYR A 13 -2.10 8.77 4.32
CA TYR A 13 -2.69 7.74 3.47
C TYR A 13 -1.98 6.41 3.68
N ILE A 14 -2.77 5.36 3.93
CA ILE A 14 -2.23 4.03 4.14
C ILE A 14 -2.85 3.02 3.19
N CYS A 15 -2.01 2.21 2.55
CA CYS A 15 -2.48 1.21 1.60
C CYS A 15 -2.98 -0.03 2.34
N ALA A 16 -4.19 0.07 2.89
CA ALA A 16 -4.79 -1.03 3.62
C ALA A 16 -4.41 -2.37 3.00
N GLU A 17 -4.57 -2.47 1.68
CA GLU A 17 -4.24 -3.69 0.96
C GLU A 17 -3.05 -4.40 1.60
N CYS A 18 -1.92 -3.70 1.65
CA CYS A 18 -0.70 -4.27 2.23
C CYS A 18 -0.38 -3.61 3.57
N GLY A 19 -0.41 -2.27 3.58
CA GLY A 19 -0.12 -1.54 4.80
C GLY A 19 1.03 -0.57 4.63
N LYS A 20 1.16 0.00 3.44
CA LYS A 20 2.22 0.95 3.15
C LYS A 20 1.74 2.39 3.39
N ALA A 21 2.68 3.31 3.49
CA ALA A 21 2.37 4.71 3.72
C ALA A 21 2.83 5.58 2.54
N PHE A 22 1.99 6.54 2.16
CA PHE A 22 2.31 7.43 1.06
C PHE A 22 1.99 8.88 1.42
N THR A 23 2.90 9.79 1.09
CA THR A 23 2.72 11.20 1.38
C THR A 23 1.78 11.85 0.37
N ILE A 24 1.91 11.45 -0.89
CA ILE A 24 1.07 12.00 -1.95
C ILE A 24 -0.10 11.07 -2.25
N ARG A 25 -1.32 11.58 -2.06
CA ARG A 25 -2.52 10.80 -2.32
C ARG A 25 -2.43 10.07 -3.66
N SER A 26 -1.78 10.72 -4.62
CA SER A 26 -1.62 10.13 -5.95
C SER A 26 -0.58 9.01 -5.93
N ASN A 27 0.56 9.28 -5.31
CA ASN A 27 1.64 8.30 -5.22
C ASN A 27 1.09 6.93 -4.80
N LEU A 28 0.02 6.94 -4.02
CA LEU A 28 -0.60 5.71 -3.56
C LEU A 28 -1.47 5.10 -4.64
N ILE A 29 -2.04 5.94 -5.49
CA ILE A 29 -2.89 5.48 -6.57
C ILE A 29 -2.12 4.59 -7.54
N LYS A 30 -0.92 5.02 -7.91
CA LYS A 30 -0.07 4.27 -8.83
C LYS A 30 0.38 2.95 -8.19
N HIS A 31 0.48 2.95 -6.86
CA HIS A 31 0.90 1.76 -6.14
C HIS A 31 -0.10 0.62 -6.32
N GLN A 32 -1.38 0.93 -6.16
CA GLN A 32 -2.43 -0.06 -6.32
C GLN A 32 -2.19 -0.92 -7.54
N LYS A 33 -1.42 -0.40 -8.50
CA LYS A 33 -1.12 -1.12 -9.72
C LYS A 33 -0.60 -2.52 -9.41
N ILE A 34 0.37 -2.61 -8.51
CA ILE A 34 0.94 -3.89 -8.13
C ILE A 34 -0.11 -4.80 -7.48
N HIS A 35 -1.17 -4.18 -6.96
CA HIS A 35 -2.25 -4.93 -6.32
C HIS A 35 -3.26 -5.39 -7.35
N THR A 36 -3.45 -4.60 -8.41
CA THR A 36 -4.40 -4.93 -9.46
C THR A 36 -3.71 -5.68 -10.60
N LYS A 37 -4.49 -6.46 -11.35
CA LYS A 37 -3.96 -7.22 -12.47
C LYS A 37 -4.56 -6.74 -13.78
N GLN A 38 -4.09 -7.30 -14.89
CA GLN A 38 -4.58 -6.94 -16.21
C GLN A 38 -5.69 -7.88 -16.66
N LYS A 39 -5.46 -9.17 -16.52
CA LYS A 39 -6.44 -10.18 -16.90
C LYS A 39 -7.54 -10.30 -15.86
N PRO A 40 -8.77 -10.53 -16.31
CA PRO A 40 -9.94 -10.68 -15.43
C PRO A 40 -9.89 -11.96 -14.61
N SER A 41 -10.86 -12.14 -13.73
CA SER A 41 -10.93 -13.32 -12.88
C SER A 41 -11.92 -14.34 -13.45
N GLY A 42 -13.08 -13.86 -13.87
CA GLY A 42 -14.09 -14.74 -14.43
C GLY A 42 -14.03 -14.80 -15.94
N PRO A 43 -15.15 -15.22 -16.57
CA PRO A 43 -15.25 -15.33 -18.03
C PRO A 43 -15.24 -13.97 -18.71
N SER A 44 -15.32 -12.90 -17.91
CA SER A 44 -15.34 -11.56 -18.46
C SER A 44 -14.05 -11.26 -19.23
N SER A 45 -14.04 -10.14 -19.93
CA SER A 45 -12.87 -9.75 -20.72
C SER A 45 -12.02 -8.73 -19.97
N GLY A 46 -12.66 -7.69 -19.47
CA GLY A 46 -11.95 -6.66 -18.74
C GLY A 46 -11.38 -5.58 -19.64
N GLY A 1 1.46 -8.57 13.43
CA GLY A 1 0.43 -7.94 14.23
C GLY A 1 0.94 -7.55 15.61
N SER A 2 1.52 -6.36 15.70
CA SER A 2 2.06 -5.86 16.97
C SER A 2 1.57 -4.45 17.24
N SER A 3 1.87 -3.94 18.43
CA SER A 3 1.46 -2.60 18.82
C SER A 3 2.69 -1.70 19.01
N GLY A 4 2.43 -0.39 19.10
CA GLY A 4 3.52 0.55 19.27
C GLY A 4 3.36 1.78 18.40
N SER A 5 4.10 2.84 18.72
CA SER A 5 4.03 4.08 17.96
C SER A 5 5.05 4.08 16.82
N SER A 6 4.56 4.25 15.60
CA SER A 6 5.42 4.25 14.42
C SER A 6 5.93 5.66 14.13
N GLY A 7 6.37 6.35 15.18
CA GLY A 7 6.88 7.70 15.02
C GLY A 7 5.77 8.72 14.85
N THR A 8 5.70 9.68 15.77
CA THR A 8 4.67 10.71 15.72
C THR A 8 4.62 11.36 14.35
N GLY A 9 3.40 11.63 13.88
CA GLY A 9 3.24 12.25 12.58
C GLY A 9 3.09 11.24 11.46
N GLU A 10 2.03 10.45 11.51
CA GLU A 10 1.78 9.43 10.51
C GLU A 10 1.27 10.05 9.22
N LYS A 11 1.45 9.35 8.10
CA LYS A 11 1.00 9.83 6.81
C LYS A 11 -0.51 9.75 6.69
N PRO A 12 -1.11 10.74 6.02
CA PRO A 12 -2.57 10.81 5.82
C PRO A 12 -3.07 9.73 4.87
N TYR A 13 -2.14 8.99 4.28
CA TYR A 13 -2.50 7.92 3.35
C TYR A 13 -1.76 6.63 3.70
N ILE A 14 -2.51 5.52 3.73
CA ILE A 14 -1.94 4.23 4.05
C ILE A 14 -2.59 3.12 3.23
N CYS A 15 -1.84 2.57 2.28
CA CYS A 15 -2.35 1.50 1.43
C CYS A 15 -2.84 0.32 2.26
N ALA A 16 -4.14 0.09 2.25
CA ALA A 16 -4.74 -1.01 2.99
C ALA A 16 -4.44 -2.35 2.34
N GLU A 17 -4.47 -2.37 1.01
CA GLU A 17 -4.22 -3.59 0.26
C GLU A 17 -3.08 -4.39 0.90
N CYS A 18 -1.94 -3.73 1.12
CA CYS A 18 -0.78 -4.37 1.72
C CYS A 18 -0.52 -3.81 3.11
N GLY A 19 -0.56 -2.48 3.23
CA GLY A 19 -0.32 -1.84 4.51
C GLY A 19 0.91 -0.96 4.49
N LYS A 20 1.02 -0.12 3.46
CA LYS A 20 2.15 0.78 3.33
C LYS A 20 1.71 2.23 3.43
N ALA A 21 2.63 3.11 3.83
CA ALA A 21 2.34 4.53 3.97
C ALA A 21 2.78 5.30 2.74
N PHE A 22 2.06 6.39 2.44
CA PHE A 22 2.38 7.22 1.28
C PHE A 22 2.23 8.69 1.61
N THR A 23 2.89 9.54 0.83
CA THR A 23 2.83 10.98 1.05
C THR A 23 1.87 11.65 0.06
N ILE A 24 2.06 11.38 -1.22
CA ILE A 24 1.21 11.95 -2.26
C ILE A 24 -0.02 11.08 -2.50
N ARG A 25 -1.20 11.67 -2.33
CA ARG A 25 -2.45 10.94 -2.53
C ARG A 25 -2.38 10.09 -3.80
N SER A 26 -1.73 10.61 -4.83
CA SER A 26 -1.60 9.91 -6.09
C SER A 26 -0.64 8.73 -5.97
N ASN A 27 0.58 9.02 -5.55
CA ASN A 27 1.60 7.99 -5.39
C ASN A 27 0.99 6.71 -4.83
N LEU A 28 -0.01 6.86 -3.97
CA LEU A 28 -0.68 5.71 -3.38
C LEU A 28 -1.59 5.02 -4.39
N ILE A 29 -2.39 5.81 -5.08
CA ILE A 29 -3.30 5.27 -6.09
C ILE A 29 -2.55 4.49 -7.16
N LYS A 30 -1.50 5.10 -7.70
CA LYS A 30 -0.69 4.46 -8.73
C LYS A 30 0.04 3.24 -8.17
N HIS A 31 0.33 3.27 -6.88
CA HIS A 31 1.01 2.17 -6.22
C HIS A 31 0.16 0.91 -6.22
N GLN A 32 -1.10 1.05 -5.82
CA GLN A 32 -2.03 -0.07 -5.78
C GLN A 32 -1.90 -0.93 -7.03
N LYS A 33 -1.39 -0.32 -8.11
CA LYS A 33 -1.22 -1.03 -9.36
C LYS A 33 -0.47 -2.34 -9.16
N ILE A 34 0.56 -2.29 -8.32
CA ILE A 34 1.36 -3.49 -8.04
C ILE A 34 0.48 -4.63 -7.54
N HIS A 35 -0.70 -4.29 -7.04
CA HIS A 35 -1.63 -5.29 -6.53
C HIS A 35 -2.47 -5.88 -7.66
N THR A 36 -2.86 -5.03 -8.61
CA THR A 36 -3.66 -5.46 -9.74
C THR A 36 -2.98 -6.59 -10.50
N LYS A 37 -1.65 -6.58 -10.51
CA LYS A 37 -0.88 -7.61 -11.19
C LYS A 37 -0.23 -8.56 -10.19
N GLN A 38 -0.68 -9.81 -10.19
CA GLN A 38 -0.14 -10.82 -9.28
C GLN A 38 1.39 -10.85 -9.36
N LYS A 39 2.03 -10.99 -8.20
CA LYS A 39 3.48 -11.05 -8.14
C LYS A 39 3.96 -12.33 -7.47
N PRO A 40 3.63 -13.48 -8.10
CA PRO A 40 4.02 -14.79 -7.57
C PRO A 40 5.51 -15.05 -7.68
N SER A 41 6.10 -15.57 -6.61
CA SER A 41 7.53 -15.86 -6.58
C SER A 41 7.91 -16.57 -5.28
N GLY A 42 8.29 -17.83 -5.39
CA GLY A 42 8.68 -18.60 -4.23
C GLY A 42 7.48 -19.16 -3.48
N PRO A 43 6.99 -20.33 -3.92
CA PRO A 43 5.84 -21.00 -3.30
C PRO A 43 6.17 -21.53 -1.91
N SER A 44 5.26 -21.31 -0.96
CA SER A 44 5.45 -21.77 0.41
C SER A 44 5.28 -23.28 0.51
N SER A 45 5.56 -23.83 1.68
CA SER A 45 5.45 -25.27 1.90
C SER A 45 4.09 -25.78 1.42
N GLY A 46 3.03 -25.07 1.80
CA GLY A 46 1.69 -25.47 1.41
C GLY A 46 1.34 -25.00 0.00
N GLY A 1 11.39 -2.77 13.09
CA GLY A 1 10.86 -1.41 13.03
C GLY A 1 11.85 -0.44 12.39
N SER A 2 11.80 0.81 12.84
CA SER A 2 12.69 1.83 12.31
C SER A 2 12.68 1.83 10.78
N SER A 3 11.51 1.67 10.19
CA SER A 3 11.36 1.62 8.74
C SER A 3 12.34 2.60 8.08
N GLY A 4 12.38 3.83 8.58
CA GLY A 4 13.28 4.82 8.03
C GLY A 4 12.55 6.08 7.60
N SER A 5 12.60 7.10 8.45
CA SER A 5 11.93 8.37 8.16
C SER A 5 12.88 9.54 8.36
N SER A 6 13.56 9.93 7.27
CA SER A 6 14.51 11.04 7.33
C SER A 6 13.92 12.28 6.66
N GLY A 7 13.23 13.10 7.45
CA GLY A 7 12.62 14.31 6.93
C GLY A 7 11.17 14.46 7.33
N THR A 8 10.81 15.65 7.80
CA THR A 8 9.44 15.93 8.23
C THR A 8 8.44 15.58 7.13
N GLY A 9 7.71 14.49 7.32
CA GLY A 9 6.73 14.07 6.33
C GLY A 9 5.54 13.37 6.96
N GLU A 10 4.35 13.68 6.49
CA GLU A 10 3.13 13.06 7.01
C GLU A 10 2.59 12.02 6.03
N LYS A 11 1.84 11.06 6.56
CA LYS A 11 1.26 10.01 5.73
C LYS A 11 -0.25 9.90 5.95
N PRO A 12 -0.99 10.85 5.37
CA PRO A 12 -2.46 10.90 5.48
C PRO A 12 -3.13 9.76 4.73
N TYR A 13 -2.34 9.00 3.98
CA TYR A 13 -2.86 7.88 3.20
C TYR A 13 -2.05 6.61 3.47
N ILE A 14 -2.74 5.47 3.49
CA ILE A 14 -2.09 4.19 3.74
C ILE A 14 -2.71 3.09 2.88
N CYS A 15 -1.85 2.32 2.21
CA CYS A 15 -2.31 1.24 1.35
C CYS A 15 -2.72 0.02 2.18
N ALA A 16 -3.94 0.08 2.73
CA ALA A 16 -4.45 -1.01 3.55
C ALA A 16 -4.17 -2.37 2.91
N GLU A 17 -4.28 -2.42 1.58
CA GLU A 17 -4.03 -3.65 0.84
C GLU A 17 -2.81 -4.38 1.39
N CYS A 18 -1.67 -3.70 1.40
CA CYS A 18 -0.43 -4.28 1.90
C CYS A 18 -0.06 -3.69 3.26
N GLY A 19 -0.11 -2.37 3.37
CA GLY A 19 0.22 -1.71 4.62
C GLY A 19 1.40 -0.76 4.48
N LYS A 20 1.30 0.15 3.52
CA LYS A 20 2.36 1.13 3.28
C LYS A 20 1.85 2.55 3.50
N ALA A 21 2.72 3.42 4.00
CA ALA A 21 2.36 4.81 4.25
C ALA A 21 2.84 5.72 3.11
N PHE A 22 1.90 6.41 2.49
CA PHE A 22 2.22 7.31 1.39
C PHE A 22 1.81 8.74 1.71
N THR A 23 2.65 9.69 1.31
CA THR A 23 2.37 11.10 1.56
C THR A 23 1.48 11.70 0.47
N ILE A 24 1.79 11.36 -0.78
CA ILE A 24 1.02 11.86 -1.91
C ILE A 24 -0.07 10.87 -2.31
N ARG A 25 -1.31 11.35 -2.33
CA ARG A 25 -2.45 10.51 -2.69
C ARG A 25 -2.13 9.68 -3.93
N SER A 26 -1.61 10.33 -4.96
CA SER A 26 -1.27 9.65 -6.21
C SER A 26 -0.26 8.53 -5.95
N ASN A 27 0.81 8.87 -5.23
CA ASN A 27 1.84 7.89 -4.92
C ASN A 27 1.24 6.58 -4.44
N LEU A 28 0.03 6.66 -3.88
CA LEU A 28 -0.66 5.47 -3.38
C LEU A 28 -1.42 4.77 -4.50
N ILE A 29 -2.04 5.54 -5.37
CA ILE A 29 -2.79 4.98 -6.50
C ILE A 29 -1.86 4.30 -7.49
N LYS A 30 -0.77 4.98 -7.84
CA LYS A 30 0.19 4.42 -8.78
C LYS A 30 0.74 3.09 -8.28
N HIS A 31 0.72 2.90 -6.97
CA HIS A 31 1.21 1.66 -6.37
C HIS A 31 0.06 0.67 -6.16
N GLN A 32 -1.12 1.20 -5.83
CA GLN A 32 -2.29 0.36 -5.61
C GLN A 32 -2.59 -0.51 -6.82
N LYS A 33 -2.19 -0.03 -7.99
CA LYS A 33 -2.41 -0.76 -9.23
C LYS A 33 -1.44 -1.93 -9.35
N ILE A 34 -0.43 -1.93 -8.50
CA ILE A 34 0.58 -3.00 -8.50
C ILE A 34 -0.01 -4.31 -7.99
N HIS A 35 -1.14 -4.22 -7.31
CA HIS A 35 -1.81 -5.40 -6.77
C HIS A 35 -2.67 -6.08 -7.83
N THR A 36 -3.17 -5.28 -8.77
CA THR A 36 -4.00 -5.80 -9.85
C THR A 36 -3.50 -7.16 -10.33
N LYS A 37 -4.42 -7.99 -10.80
CA LYS A 37 -4.07 -9.32 -11.30
C LYS A 37 -3.30 -9.23 -12.61
N GLN A 38 -1.99 -9.46 -12.53
CA GLN A 38 -1.14 -9.40 -13.72
C GLN A 38 -0.12 -10.53 -13.70
N LYS A 39 -0.17 -11.39 -14.72
CA LYS A 39 0.75 -12.51 -14.83
C LYS A 39 1.09 -13.06 -13.45
N PRO A 40 0.06 -13.38 -12.66
CA PRO A 40 0.23 -13.93 -11.31
C PRO A 40 0.78 -15.35 -11.32
N SER A 41 0.91 -15.94 -10.13
CA SER A 41 1.43 -17.30 -10.01
C SER A 41 0.34 -18.25 -9.54
N GLY A 42 0.62 -19.54 -9.62
CA GLY A 42 -0.34 -20.55 -9.20
C GLY A 42 0.14 -21.35 -8.00
N PRO A 43 0.74 -22.51 -8.28
CA PRO A 43 1.26 -23.40 -7.23
C PRO A 43 2.48 -22.83 -6.53
N SER A 44 2.50 -22.90 -5.21
CA SER A 44 3.61 -22.38 -4.42
C SER A 44 3.65 -23.04 -3.04
N SER A 45 4.77 -22.86 -2.34
CA SER A 45 4.94 -23.43 -1.02
C SER A 45 3.77 -23.08 -0.12
N GLY A 46 2.90 -24.07 0.13
CA GLY A 46 1.75 -23.84 0.97
C GLY A 46 0.92 -22.66 0.52
N GLY A 1 3.17 -14.28 16.30
CA GLY A 1 3.37 -12.84 16.37
C GLY A 1 3.06 -12.27 17.74
N SER A 2 3.80 -11.24 18.14
CA SER A 2 3.59 -10.62 19.44
C SER A 2 4.44 -9.36 19.57
N SER A 3 3.81 -8.27 20.03
CA SER A 3 4.50 -7.00 20.19
C SER A 3 5.48 -6.76 19.05
N GLY A 4 5.04 -7.05 17.83
CA GLY A 4 5.88 -6.86 16.66
C GLY A 4 6.17 -5.39 16.39
N SER A 5 5.54 -4.85 15.35
CA SER A 5 5.74 -3.45 14.98
C SER A 5 4.79 -2.55 15.75
N SER A 6 5.35 -1.65 16.55
CA SER A 6 4.55 -0.73 17.34
C SER A 6 3.99 0.40 16.48
N GLY A 7 4.89 1.12 15.83
CA GLY A 7 4.47 2.22 14.97
C GLY A 7 5.06 2.13 13.58
N THR A 8 4.39 2.73 12.61
CA THR A 8 4.86 2.71 11.23
C THR A 8 5.03 4.13 10.69
N GLY A 9 4.10 5.01 11.04
CA GLY A 9 4.15 6.38 10.57
C GLY A 9 2.85 7.12 10.76
N GLU A 10 2.81 8.38 10.34
CA GLU A 10 1.60 9.19 10.46
C GLU A 10 1.23 9.83 9.12
N LYS A 11 1.25 9.02 8.07
CA LYS A 11 0.92 9.50 6.74
C LYS A 11 -0.60 9.59 6.54
N PRO A 12 -1.03 10.61 5.78
CA PRO A 12 -2.46 10.83 5.51
C PRO A 12 -3.05 9.75 4.61
N TYR A 13 -2.19 9.10 3.82
CA TYR A 13 -2.62 8.06 2.91
C TYR A 13 -1.85 6.76 3.15
N ILE A 14 -2.57 5.72 3.54
CA ILE A 14 -1.96 4.43 3.80
C ILE A 14 -2.63 3.33 2.98
N CYS A 15 -1.81 2.47 2.38
CA CYS A 15 -2.32 1.36 1.57
C CYS A 15 -2.81 0.21 2.45
N ALA A 16 -4.12 0.03 2.49
CA ALA A 16 -4.71 -1.04 3.29
C ALA A 16 -4.34 -2.41 2.75
N GLU A 17 -4.20 -2.49 1.43
CA GLU A 17 -3.85 -3.75 0.79
C GLU A 17 -2.63 -4.39 1.45
N CYS A 18 -1.54 -3.63 1.50
CA CYS A 18 -0.30 -4.11 2.11
C CYS A 18 -0.05 -3.42 3.45
N GLY A 19 -0.22 -2.11 3.48
CA GLY A 19 -0.01 -1.36 4.70
C GLY A 19 1.11 -0.34 4.59
N LYS A 20 1.43 0.03 3.35
CA LYS A 20 2.49 1.00 3.10
C LYS A 20 2.01 2.42 3.39
N ALA A 21 2.89 3.23 3.99
CA ALA A 21 2.55 4.60 4.31
C ALA A 21 2.96 5.54 3.19
N PHE A 22 1.98 6.23 2.61
CA PHE A 22 2.23 7.17 1.53
C PHE A 22 1.74 8.57 1.89
N THR A 23 2.48 9.58 1.44
CA THR A 23 2.12 10.97 1.71
C THR A 23 1.38 11.59 0.53
N ILE A 24 1.80 11.23 -0.67
CA ILE A 24 1.18 11.76 -1.88
C ILE A 24 0.01 10.87 -2.32
N ARG A 25 -1.21 11.39 -2.15
CA ARG A 25 -2.41 10.66 -2.53
C ARG A 25 -2.18 9.88 -3.82
N SER A 26 -1.47 10.49 -4.76
CA SER A 26 -1.18 9.85 -6.04
C SER A 26 -0.26 8.65 -5.86
N ASN A 27 0.83 8.86 -5.12
CA ASN A 27 1.80 7.80 -4.87
C ASN A 27 1.10 6.50 -4.47
N LEU A 28 -0.02 6.64 -3.77
CA LEU A 28 -0.79 5.48 -3.32
C LEU A 28 -1.62 4.91 -4.46
N ILE A 29 -2.16 5.79 -5.30
CA ILE A 29 -2.97 5.38 -6.43
C ILE A 29 -2.17 4.56 -7.42
N LYS A 30 -1.05 5.13 -7.89
CA LYS A 30 -0.19 4.46 -8.84
C LYS A 30 0.26 3.10 -8.30
N HIS A 31 0.31 2.99 -6.98
CA HIS A 31 0.72 1.74 -6.34
C HIS A 31 -0.34 0.66 -6.51
N GLN A 32 -1.59 1.02 -6.23
CA GLN A 32 -2.70 0.08 -6.36
C GLN A 32 -2.52 -0.81 -7.59
N LYS A 33 -1.79 -0.31 -8.57
CA LYS A 33 -1.54 -1.06 -9.80
C LYS A 33 -0.88 -2.40 -9.50
N ILE A 34 0.19 -2.35 -8.70
CA ILE A 34 0.92 -3.56 -8.34
C ILE A 34 0.04 -4.50 -7.52
N HIS A 35 -1.03 -3.96 -6.95
CA HIS A 35 -1.96 -4.76 -6.15
C HIS A 35 -3.05 -5.37 -7.02
N THR A 36 -3.36 -4.70 -8.12
CA THR A 36 -4.39 -5.17 -9.04
C THR A 36 -3.81 -6.15 -10.06
N LYS A 37 -2.96 -7.05 -9.59
CA LYS A 37 -2.32 -8.04 -10.46
C LYS A 37 -1.89 -9.26 -9.66
N GLN A 38 -2.63 -10.35 -9.81
CA GLN A 38 -2.30 -11.60 -9.10
C GLN A 38 -0.80 -11.79 -8.98
N LYS A 39 -0.24 -11.40 -7.84
CA LYS A 39 1.19 -11.52 -7.61
C LYS A 39 1.58 -12.98 -7.37
N PRO A 40 2.83 -13.32 -7.72
CA PRO A 40 3.34 -14.68 -7.57
C PRO A 40 3.55 -15.06 -6.10
N SER A 41 4.14 -14.15 -5.34
CA SER A 41 4.40 -14.39 -3.92
C SER A 41 3.67 -13.35 -3.07
N GLY A 42 3.00 -13.82 -2.02
CA GLY A 42 2.28 -12.93 -1.13
C GLY A 42 2.48 -13.28 0.34
N PRO A 43 2.48 -12.25 1.19
CA PRO A 43 2.66 -12.42 2.64
C PRO A 43 1.46 -13.10 3.30
N SER A 44 1.72 -14.13 4.09
CA SER A 44 0.66 -14.87 4.77
C SER A 44 0.14 -14.06 5.96
N SER A 45 1.05 -13.67 6.84
CA SER A 45 0.68 -12.91 8.02
C SER A 45 -0.43 -11.90 7.71
N GLY A 46 -1.51 -11.97 8.46
CA GLY A 46 -2.63 -11.06 8.25
C GLY A 46 -3.96 -11.67 8.64
N GLY A 1 -0.67 -3.86 28.33
CA GLY A 1 -0.62 -4.21 26.92
C GLY A 1 0.80 -4.36 26.42
N SER A 2 0.95 -4.95 25.24
CA SER A 2 2.27 -5.17 24.65
C SER A 2 2.25 -4.84 23.16
N SER A 3 3.43 -4.90 22.54
CA SER A 3 3.55 -4.61 21.11
C SER A 3 4.93 -5.00 20.60
N GLY A 4 4.96 -5.58 19.39
CA GLY A 4 6.22 -5.99 18.80
C GLY A 4 6.33 -5.61 17.34
N SER A 5 6.47 -4.31 17.08
CA SER A 5 6.58 -3.81 15.72
C SER A 5 7.78 -2.88 15.57
N SER A 6 8.29 -2.77 14.36
CA SER A 6 9.44 -1.90 14.09
C SER A 6 9.13 -0.46 14.45
N GLY A 7 7.95 0.01 14.07
CA GLY A 7 7.56 1.38 14.37
C GLY A 7 6.21 1.74 13.79
N THR A 8 5.44 2.52 14.53
CA THR A 8 4.11 2.93 14.08
C THR A 8 4.05 4.45 13.89
N GLY A 9 3.92 4.88 12.64
CA GLY A 9 3.84 6.30 12.35
C GLY A 9 2.45 6.74 11.93
N GLU A 10 2.32 8.00 11.56
CA GLU A 10 1.03 8.54 11.15
C GLU A 10 1.14 9.21 9.78
N LYS A 11 0.66 8.53 8.74
CA LYS A 11 0.70 9.06 7.39
C LYS A 11 -0.70 9.43 6.91
N PRO A 12 -0.79 10.45 6.04
CA PRO A 12 -2.06 10.92 5.49
C PRO A 12 -2.67 9.91 4.51
N TYR A 13 -1.93 8.83 4.25
CA TYR A 13 -2.39 7.80 3.32
C TYR A 13 -1.69 6.48 3.60
N ILE A 14 -2.45 5.40 3.57
CA ILE A 14 -1.91 4.07 3.81
C ILE A 14 -2.63 3.01 2.97
N CYS A 15 -1.91 2.42 2.03
CA CYS A 15 -2.48 1.40 1.16
C CYS A 15 -3.26 0.37 1.98
N ALA A 16 -4.59 0.43 1.88
CA ALA A 16 -5.45 -0.50 2.61
C ALA A 16 -5.55 -1.83 1.89
N GLU A 17 -4.43 -2.30 1.35
CA GLU A 17 -4.40 -3.57 0.62
C GLU A 17 -3.27 -4.46 1.12
N CYS A 18 -2.15 -3.84 1.48
CA CYS A 18 -0.99 -4.58 1.96
C CYS A 18 -0.51 -3.99 3.30
N GLY A 19 -0.43 -2.67 3.36
CA GLY A 19 0.02 -2.01 4.57
C GLY A 19 1.19 -1.07 4.32
N LYS A 20 1.06 -0.24 3.30
CA LYS A 20 2.11 0.71 2.95
C LYS A 20 1.75 2.13 3.42
N ALA A 21 2.59 3.09 3.07
CA ALA A 21 2.36 4.48 3.45
C ALA A 21 2.85 5.44 2.37
N PHE A 22 2.07 6.47 2.10
CA PHE A 22 2.43 7.46 1.09
C PHE A 22 2.05 8.86 1.54
N THR A 23 2.75 9.86 1.01
CA THR A 23 2.49 11.25 1.36
C THR A 23 1.37 11.83 0.50
N ILE A 24 1.56 11.79 -0.82
CA ILE A 24 0.56 12.30 -1.75
C ILE A 24 -0.51 11.26 -2.04
N ARG A 25 -1.69 11.74 -2.43
CA ARG A 25 -2.81 10.85 -2.74
C ARG A 25 -2.50 10.01 -3.97
N SER A 26 -1.88 10.63 -4.97
CA SER A 26 -1.53 9.95 -6.21
C SER A 26 -0.45 8.90 -5.96
N ASN A 27 0.65 9.33 -5.36
CA ASN A 27 1.76 8.43 -5.07
C ASN A 27 1.25 7.06 -4.62
N LEU A 28 0.10 7.06 -3.97
CA LEU A 28 -0.50 5.82 -3.49
C LEU A 28 -1.28 5.12 -4.60
N ILE A 29 -2.13 5.88 -5.28
CA ILE A 29 -2.94 5.33 -6.37
C ILE A 29 -2.08 4.51 -7.33
N LYS A 30 -0.87 4.99 -7.59
CA LYS A 30 0.05 4.30 -8.48
C LYS A 30 0.50 2.97 -7.89
N HIS A 31 0.79 2.99 -6.58
CA HIS A 31 1.23 1.79 -5.89
C HIS A 31 0.17 0.69 -5.96
N GLN A 32 -1.05 1.03 -5.57
CA GLN A 32 -2.16 0.08 -5.60
C GLN A 32 -2.11 -0.77 -6.85
N LYS A 33 -1.49 -0.24 -7.91
CA LYS A 33 -1.37 -0.96 -9.18
C LYS A 33 -0.89 -2.38 -8.95
N ILE A 34 0.22 -2.53 -8.25
CA ILE A 34 0.79 -3.84 -7.96
C ILE A 34 -0.29 -4.81 -7.48
N HIS A 35 -1.37 -4.25 -6.94
CA HIS A 35 -2.47 -5.08 -6.45
C HIS A 35 -3.50 -5.33 -7.56
N THR A 36 -3.70 -4.34 -8.41
CA THR A 36 -4.65 -4.46 -9.51
C THR A 36 -3.99 -5.05 -10.75
N LYS A 37 -3.15 -6.06 -10.54
CA LYS A 37 -2.46 -6.72 -11.64
C LYS A 37 -3.43 -7.55 -12.47
N GLN A 38 -3.19 -7.59 -13.78
CA GLN A 38 -4.03 -8.35 -14.69
C GLN A 38 -3.60 -9.81 -14.75
N LYS A 39 -4.50 -10.71 -14.40
CA LYS A 39 -4.22 -12.15 -14.41
C LYS A 39 -5.06 -12.86 -15.45
N PRO A 40 -4.51 -13.94 -16.03
CA PRO A 40 -5.20 -14.74 -17.05
C PRO A 40 -6.36 -15.53 -16.47
N SER A 41 -7.57 -15.04 -16.69
CA SER A 41 -8.77 -15.70 -16.20
C SER A 41 -8.81 -17.16 -16.64
N GLY A 42 -9.13 -18.05 -15.71
CA GLY A 42 -9.21 -19.47 -16.03
C GLY A 42 -9.14 -20.34 -14.79
N PRO A 43 -9.88 -21.45 -14.81
CA PRO A 43 -9.92 -22.40 -13.69
C PRO A 43 -8.61 -23.17 -13.53
N SER A 44 -7.99 -23.50 -14.65
CA SER A 44 -6.73 -24.24 -14.64
C SER A 44 -5.71 -23.59 -15.57
N SER A 45 -5.62 -22.26 -15.49
CA SER A 45 -4.68 -21.51 -16.32
C SER A 45 -3.24 -21.80 -15.92
N GLY A 46 -2.92 -21.51 -14.66
CA GLY A 46 -1.57 -21.74 -14.16
C GLY A 46 -1.56 -22.59 -12.91
N GLY A 1 8.88 -12.27 15.91
CA GLY A 1 8.40 -11.43 16.99
C GLY A 1 6.97 -10.99 16.78
N SER A 2 6.25 -10.75 17.88
CA SER A 2 4.86 -10.34 17.80
C SER A 2 4.64 -9.04 18.58
N SER A 3 4.68 -7.92 17.87
CA SER A 3 4.49 -6.60 18.49
C SER A 3 3.01 -6.26 18.58
N GLY A 4 2.69 -5.25 19.40
CA GLY A 4 1.31 -4.84 19.55
C GLY A 4 1.00 -3.56 18.80
N SER A 5 1.91 -2.60 18.87
CA SER A 5 1.73 -1.32 18.19
C SER A 5 3.05 -0.57 18.06
N SER A 6 3.34 -0.09 16.85
CA SER A 6 4.58 0.65 16.61
C SER A 6 4.28 2.04 16.07
N GLY A 7 5.06 3.02 16.52
CA GLY A 7 4.87 4.39 16.09
C GLY A 7 6.10 4.95 15.39
N THR A 8 6.43 4.39 14.23
CA THR A 8 7.58 4.83 13.46
C THR A 8 7.31 6.17 12.78
N GLY A 9 6.13 6.28 12.17
CA GLY A 9 5.77 7.51 11.48
C GLY A 9 4.33 7.49 10.98
N GLU A 10 3.68 8.65 11.04
CA GLU A 10 2.30 8.76 10.60
C GLU A 10 2.22 9.39 9.21
N LYS A 11 1.31 8.88 8.38
CA LYS A 11 1.13 9.39 7.03
C LYS A 11 -0.34 9.67 6.75
N PRO A 12 -0.60 10.62 5.83
CA PRO A 12 -1.96 11.00 5.44
C PRO A 12 -2.66 9.91 4.64
N TYR A 13 -1.88 9.07 3.99
CA TYR A 13 -2.43 7.98 3.19
C TYR A 13 -1.72 6.65 3.51
N ILE A 14 -2.50 5.58 3.53
CA ILE A 14 -1.95 4.25 3.82
C ILE A 14 -2.70 3.17 3.06
N CYS A 15 -1.98 2.41 2.24
CA CYS A 15 -2.57 1.34 1.46
C CYS A 15 -3.29 0.34 2.37
N ALA A 16 -4.54 0.06 2.05
CA ALA A 16 -5.34 -0.89 2.83
C ALA A 16 -5.29 -2.28 2.21
N GLU A 17 -4.23 -2.57 1.48
CA GLU A 17 -4.07 -3.86 0.83
C GLU A 17 -2.83 -4.58 1.35
N CYS A 18 -1.80 -3.81 1.70
CA CYS A 18 -0.56 -4.37 2.22
C CYS A 18 -0.17 -3.70 3.53
N GLY A 19 -0.33 -2.38 3.59
CA GLY A 19 0.02 -1.64 4.78
C GLY A 19 1.19 -0.70 4.57
N LYS A 20 1.19 -0.03 3.42
CA LYS A 20 2.27 0.91 3.08
C LYS A 20 1.84 2.35 3.38
N ALA A 21 2.80 3.16 3.82
CA ALA A 21 2.52 4.56 4.13
C ALA A 21 2.93 5.47 2.97
N PHE A 22 2.08 6.45 2.68
CA PHE A 22 2.34 7.39 1.59
C PHE A 22 2.04 8.82 2.03
N THR A 23 2.65 9.78 1.34
CA THR A 23 2.45 11.18 1.66
C THR A 23 1.53 11.86 0.65
N ILE A 24 1.61 11.41 -0.61
CA ILE A 24 0.78 11.97 -1.67
C ILE A 24 -0.38 11.03 -2.00
N ARG A 25 -1.51 11.62 -2.36
CA ARG A 25 -2.70 10.85 -2.71
C ARG A 25 -2.47 10.04 -3.98
N SER A 26 -1.68 10.58 -4.89
CA SER A 26 -1.38 9.91 -6.15
C SER A 26 -0.39 8.77 -5.94
N ASN A 27 0.73 9.08 -5.27
CA ASN A 27 1.76 8.09 -5.01
C ASN A 27 1.14 6.76 -4.59
N LEU A 28 -0.03 6.83 -3.95
CA LEU A 28 -0.73 5.64 -3.51
C LEU A 28 -1.54 5.02 -4.64
N ILE A 29 -2.23 5.87 -5.40
CA ILE A 29 -3.05 5.42 -6.51
C ILE A 29 -2.23 4.59 -7.49
N LYS A 30 -0.99 5.01 -7.72
CA LYS A 30 -0.10 4.30 -8.65
C LYS A 30 0.25 2.92 -8.09
N HIS A 31 0.43 2.84 -6.79
CA HIS A 31 0.78 1.57 -6.14
C HIS A 31 -0.28 0.52 -6.42
N GLN A 32 -1.55 0.89 -6.23
CA GLN A 32 -2.65 -0.03 -6.47
C GLN A 32 -2.39 -0.90 -7.69
N LYS A 33 -1.59 -0.38 -8.62
CA LYS A 33 -1.26 -1.10 -9.85
C LYS A 33 -0.65 -2.46 -9.53
N ILE A 34 0.41 -2.46 -8.72
CA ILE A 34 1.08 -3.69 -8.33
C ILE A 34 0.12 -4.63 -7.60
N HIS A 35 -0.99 -4.08 -7.12
CA HIS A 35 -1.99 -4.87 -6.41
C HIS A 35 -3.02 -5.44 -7.37
N THR A 36 -2.73 -5.37 -8.66
CA THR A 36 -3.64 -5.87 -9.69
C THR A 36 -3.05 -7.10 -10.37
N LYS A 37 -1.78 -7.02 -10.74
CA LYS A 37 -1.10 -8.13 -11.40
C LYS A 37 -0.40 -9.03 -10.39
N GLN A 38 -0.88 -10.27 -10.28
CA GLN A 38 -0.29 -11.22 -9.34
C GLN A 38 0.34 -12.40 -10.09
N LYS A 39 1.00 -12.11 -11.20
CA LYS A 39 1.63 -13.14 -12.01
C LYS A 39 3.14 -13.17 -11.76
N PRO A 40 3.69 -14.39 -11.64
CA PRO A 40 5.12 -14.58 -11.39
C PRO A 40 5.98 -14.21 -12.61
N SER A 41 6.51 -12.99 -12.60
CA SER A 41 7.33 -12.51 -13.70
C SER A 41 8.80 -12.81 -13.44
N GLY A 42 9.26 -12.51 -12.23
CA GLY A 42 10.65 -12.75 -11.88
C GLY A 42 10.81 -13.31 -10.48
N PRO A 43 10.63 -12.46 -9.47
CA PRO A 43 10.75 -12.85 -8.06
C PRO A 43 9.60 -13.75 -7.61
N SER A 44 9.93 -14.99 -7.27
CA SER A 44 8.93 -15.95 -6.83
C SER A 44 8.82 -15.97 -5.31
N SER A 45 9.97 -15.95 -4.64
CA SER A 45 10.01 -15.96 -3.19
C SER A 45 10.44 -14.61 -2.64
N GLY A 46 11.52 -14.07 -3.20
CA GLY A 46 12.02 -12.78 -2.75
C GLY A 46 13.36 -12.89 -2.06
N GLY A 1 10.97 -0.20 24.05
CA GLY A 1 11.39 -1.41 23.38
C GLY A 1 10.93 -1.48 21.93
N SER A 2 10.34 -2.61 21.55
CA SER A 2 9.85 -2.79 20.20
C SER A 2 8.33 -2.63 20.13
N SER A 3 7.88 -1.43 19.79
CA SER A 3 6.46 -1.14 19.70
C SER A 3 6.09 -0.70 18.28
N GLY A 4 6.68 0.40 17.84
CA GLY A 4 6.40 0.91 16.52
C GLY A 4 7.43 1.93 16.05
N SER A 5 7.35 2.31 14.78
CA SER A 5 8.28 3.28 14.22
C SER A 5 7.54 4.35 13.41
N SER A 6 6.57 3.92 12.61
CA SER A 6 5.79 4.84 11.80
C SER A 6 4.40 5.06 12.40
N GLY A 7 4.26 6.15 13.14
CA GLY A 7 2.98 6.47 13.76
C GLY A 7 2.53 7.88 13.48
N THR A 8 3.27 8.86 13.99
CA THR A 8 2.94 10.26 13.79
C THR A 8 3.92 10.92 12.81
N GLY A 9 3.42 11.28 11.64
CA GLY A 9 4.27 11.92 10.64
C GLY A 9 3.46 12.56 9.52
N GLU A 10 3.99 12.47 8.31
CA GLU A 10 3.32 13.04 7.15
C GLU A 10 2.80 11.94 6.21
N LYS A 11 2.30 10.86 6.80
CA LYS A 11 1.78 9.73 6.03
C LYS A 11 0.28 9.58 6.24
N PRO A 12 -0.48 10.61 5.86
CA PRO A 12 -1.94 10.61 6.01
C PRO A 12 -2.61 9.64 5.05
N TYR A 13 -1.81 8.91 4.29
CA TYR A 13 -2.32 7.95 3.32
C TYR A 13 -1.68 6.58 3.53
N ILE A 14 -2.51 5.55 3.66
CA ILE A 14 -2.02 4.19 3.86
C ILE A 14 -2.72 3.22 2.92
N CYS A 15 -1.93 2.42 2.21
CA CYS A 15 -2.47 1.44 1.27
C CYS A 15 -3.39 0.46 1.99
N ALA A 16 -4.68 0.52 1.69
CA ALA A 16 -5.65 -0.36 2.31
C ALA A 16 -5.73 -1.70 1.57
N GLU A 17 -4.62 -2.09 0.95
CA GLU A 17 -4.56 -3.34 0.21
C GLU A 17 -3.53 -4.28 0.82
N CYS A 18 -2.36 -3.74 1.14
CA CYS A 18 -1.28 -4.54 1.73
C CYS A 18 -0.85 -3.95 3.07
N GLY A 19 -0.63 -2.63 3.09
CA GLY A 19 -0.21 -1.97 4.31
C GLY A 19 1.02 -1.12 4.10
N LYS A 20 0.88 -0.01 3.38
CA LYS A 20 1.98 0.89 3.11
C LYS A 20 1.61 2.33 3.48
N ALA A 21 2.52 3.26 3.18
CA ALA A 21 2.29 4.66 3.47
C ALA A 21 2.87 5.55 2.37
N PHE A 22 2.23 6.70 2.15
CA PHE A 22 2.68 7.63 1.13
C PHE A 22 2.32 9.06 1.51
N THR A 23 2.97 10.02 0.86
CA THR A 23 2.72 11.44 1.14
C THR A 23 1.57 11.97 0.27
N ILE A 24 1.66 11.75 -1.02
CA ILE A 24 0.63 12.20 -1.95
C ILE A 24 -0.43 11.13 -2.17
N ARG A 25 -1.66 11.56 -2.42
CA ARG A 25 -2.76 10.63 -2.65
C ARG A 25 -2.51 9.80 -3.91
N SER A 26 -2.04 10.46 -4.97
CA SER A 26 -1.77 9.79 -6.23
C SER A 26 -0.63 8.79 -6.08
N ASN A 27 0.38 9.15 -5.30
CA ASN A 27 1.53 8.28 -5.08
C ASN A 27 1.08 6.91 -4.58
N LEU A 28 0.06 6.89 -3.73
CA LEU A 28 -0.46 5.64 -3.19
C LEU A 28 -1.28 4.89 -4.23
N ILE A 29 -2.16 5.61 -4.92
CA ILE A 29 -3.00 5.02 -5.94
C ILE A 29 -2.16 4.34 -7.02
N LYS A 30 -1.05 4.98 -7.38
CA LYS A 30 -0.15 4.44 -8.39
C LYS A 30 0.49 3.14 -7.92
N HIS A 31 0.71 3.04 -6.62
CA HIS A 31 1.31 1.85 -6.03
C HIS A 31 0.34 0.67 -6.07
N GLN A 32 -0.91 0.92 -5.67
CA GLN A 32 -1.93 -0.11 -5.67
C GLN A 32 -1.92 -0.90 -6.98
N LYS A 33 -1.35 -0.30 -8.01
CA LYS A 33 -1.28 -0.93 -9.32
C LYS A 33 -0.63 -2.31 -9.23
N ILE A 34 0.34 -2.44 -8.33
CA ILE A 34 1.04 -3.70 -8.13
C ILE A 34 0.10 -4.77 -7.58
N HIS A 35 -1.07 -4.35 -7.12
CA HIS A 35 -2.06 -5.26 -6.57
C HIS A 35 -3.02 -5.74 -7.66
N THR A 36 -3.33 -4.87 -8.61
CA THR A 36 -4.24 -5.20 -9.70
C THR A 36 -3.97 -6.60 -10.22
N LYS A 37 -5.04 -7.33 -10.49
CA LYS A 37 -4.93 -8.69 -11.01
C LYS A 37 -5.58 -8.82 -12.38
N GLN A 38 -4.87 -9.45 -13.31
CA GLN A 38 -5.37 -9.63 -14.67
C GLN A 38 -4.97 -11.00 -15.22
N LYS A 39 -5.55 -11.37 -16.36
CA LYS A 39 -5.25 -12.65 -16.99
C LYS A 39 -3.75 -12.82 -17.19
N PRO A 40 -3.25 -14.03 -16.94
CA PRO A 40 -1.83 -14.35 -17.09
C PRO A 40 -1.39 -14.37 -18.55
N SER A 41 -0.91 -13.22 -19.03
CA SER A 41 -0.46 -13.11 -20.41
C SER A 41 0.96 -12.56 -20.48
N GLY A 42 1.26 -11.61 -19.59
CA GLY A 42 2.59 -11.02 -19.56
C GLY A 42 3.66 -12.00 -19.15
N PRO A 43 4.79 -11.49 -18.67
CA PRO A 43 5.92 -12.32 -18.23
C PRO A 43 5.61 -13.08 -16.94
N SER A 44 4.39 -12.92 -16.44
CA SER A 44 3.98 -13.60 -15.22
C SER A 44 4.62 -14.98 -15.12
N SER A 45 5.34 -15.21 -14.02
CA SER A 45 6.00 -16.49 -13.80
C SER A 45 7.10 -16.72 -14.84
N GLY A 46 7.81 -15.64 -15.18
CA GLY A 46 8.89 -15.74 -16.15
C GLY A 46 9.22 -14.40 -16.78
N GLY A 1 -5.05 -3.06 31.35
CA GLY A 1 -3.94 -2.45 30.64
C GLY A 1 -3.50 -3.27 29.44
N SER A 2 -3.49 -2.64 28.26
CA SER A 2 -3.10 -3.32 27.04
C SER A 2 -2.40 -2.36 26.08
N SER A 3 -1.29 -2.82 25.51
CA SER A 3 -0.52 -2.00 24.58
C SER A 3 0.23 -2.87 23.57
N GLY A 4 0.79 -2.24 22.55
CA GLY A 4 1.53 -2.97 21.53
C GLY A 4 0.71 -3.22 20.29
N SER A 5 -0.08 -2.24 19.89
CA SER A 5 -0.92 -2.35 18.71
C SER A 5 -0.50 -1.37 17.63
N SER A 6 -0.78 -1.71 16.38
CA SER A 6 -0.43 -0.86 15.25
C SER A 6 -1.11 0.50 15.37
N GLY A 7 -0.40 1.47 15.94
CA GLY A 7 -0.95 2.81 16.10
C GLY A 7 0.11 3.85 16.33
N THR A 8 0.88 4.17 15.28
CA THR A 8 1.94 5.15 15.37
C THR A 8 2.28 5.71 14.00
N GLY A 9 2.14 7.02 13.84
CA GLY A 9 2.45 7.66 12.58
C GLY A 9 1.36 8.61 12.12
N GLU A 10 0.13 8.10 12.02
CA GLU A 10 -1.00 8.92 11.60
C GLU A 10 -0.81 9.41 10.17
N LYS A 11 -0.32 8.54 9.30
CA LYS A 11 -0.10 8.88 7.90
C LYS A 11 -1.39 9.27 7.21
N PRO A 12 -1.36 10.35 6.43
CA PRO A 12 -2.53 10.84 5.69
C PRO A 12 -2.93 9.90 4.55
N TYR A 13 -2.15 8.85 4.35
CA TYR A 13 -2.42 7.88 3.29
C TYR A 13 -1.76 6.55 3.59
N ILE A 14 -2.57 5.51 3.74
CA ILE A 14 -2.07 4.17 4.02
C ILE A 14 -2.73 3.13 3.13
N CYS A 15 -1.97 2.62 2.15
CA CYS A 15 -2.48 1.63 1.23
C CYS A 15 -3.33 0.58 1.96
N ALA A 16 -4.58 0.46 1.56
CA ALA A 16 -5.49 -0.49 2.19
C ALA A 16 -5.52 -1.80 1.42
N GLU A 17 -4.36 -2.24 0.95
CA GLU A 17 -4.25 -3.48 0.19
C GLU A 17 -3.09 -4.33 0.70
N CYS A 18 -2.03 -3.67 1.14
CA CYS A 18 -0.85 -4.36 1.65
C CYS A 18 -0.40 -3.77 2.99
N GLY A 19 -0.45 -2.45 3.08
CA GLY A 19 -0.05 -1.78 4.31
C GLY A 19 1.07 -0.78 4.09
N LYS A 20 1.16 -0.25 2.88
CA LYS A 20 2.19 0.72 2.53
C LYS A 20 1.76 2.13 2.91
N ALA A 21 2.72 3.01 3.15
CA ALA A 21 2.44 4.38 3.50
C ALA A 21 2.96 5.35 2.43
N PHE A 22 2.20 6.41 2.18
CA PHE A 22 2.58 7.39 1.18
C PHE A 22 2.19 8.80 1.63
N THR A 23 2.83 9.81 1.04
CA THR A 23 2.55 11.20 1.38
C THR A 23 1.44 11.77 0.51
N ILE A 24 1.58 11.62 -0.80
CA ILE A 24 0.57 12.11 -1.73
C ILE A 24 -0.47 11.05 -2.05
N ARG A 25 -1.67 11.48 -2.37
CA ARG A 25 -2.75 10.55 -2.71
C ARG A 25 -2.45 9.79 -3.99
N SER A 26 -2.00 10.51 -5.01
CA SER A 26 -1.67 9.90 -6.30
C SER A 26 -0.54 8.89 -6.14
N ASN A 27 0.57 9.34 -5.55
CA ASN A 27 1.72 8.47 -5.34
C ASN A 27 1.29 7.10 -4.82
N LEU A 28 0.23 7.08 -4.03
CA LEU A 28 -0.28 5.84 -3.46
C LEU A 28 -1.03 5.03 -4.53
N ILE A 29 -1.90 5.70 -5.27
CA ILE A 29 -2.67 5.05 -6.31
C ILE A 29 -1.77 4.31 -7.28
N LYS A 30 -0.66 4.94 -7.63
CA LYS A 30 0.30 4.34 -8.56
C LYS A 30 0.88 3.06 -7.99
N HIS A 31 0.81 2.91 -6.66
CA HIS A 31 1.33 1.72 -5.99
C HIS A 31 0.25 0.64 -5.89
N GLN A 32 -0.87 0.99 -5.27
CA GLN A 32 -1.97 0.05 -5.10
C GLN A 32 -2.18 -0.78 -6.36
N LYS A 33 -1.77 -0.22 -7.51
CA LYS A 33 -1.90 -0.90 -8.78
C LYS A 33 -1.27 -2.29 -8.73
N ILE A 34 -0.06 -2.36 -8.20
CA ILE A 34 0.66 -3.62 -8.09
C ILE A 34 -0.25 -4.73 -7.56
N HIS A 35 -1.33 -4.32 -6.88
CA HIS A 35 -2.28 -5.27 -6.31
C HIS A 35 -3.38 -5.60 -7.33
N THR A 36 -3.74 -4.62 -8.13
CA THR A 36 -4.79 -4.80 -9.14
C THR A 36 -4.26 -5.58 -10.33
N LYS A 37 -3.00 -5.33 -10.70
CA LYS A 37 -2.38 -6.02 -11.83
C LYS A 37 -2.87 -7.45 -11.93
N GLN A 38 -2.72 -8.21 -10.84
CA GLN A 38 -3.17 -9.60 -10.81
C GLN A 38 -4.64 -9.70 -10.47
N LYS A 39 -5.50 -9.36 -11.43
CA LYS A 39 -6.94 -9.42 -11.23
C LYS A 39 -7.64 -10.00 -12.45
N PRO A 40 -8.65 -10.85 -12.21
CA PRO A 40 -9.42 -11.49 -13.28
C PRO A 40 -10.30 -10.51 -14.03
N SER A 41 -10.65 -10.86 -15.27
CA SER A 41 -11.49 -10.00 -16.10
C SER A 41 -12.95 -10.42 -16.01
N GLY A 42 -13.80 -9.48 -15.58
CA GLY A 42 -15.22 -9.76 -15.45
C GLY A 42 -15.69 -9.74 -14.01
N PRO A 43 -17.00 -9.79 -13.81
CA PRO A 43 -17.62 -9.78 -12.48
C PRO A 43 -17.36 -11.07 -11.72
N SER A 44 -16.75 -12.04 -12.40
CA SER A 44 -16.45 -13.33 -11.79
C SER A 44 -16.06 -13.16 -10.32
N SER A 45 -16.71 -13.92 -9.44
CA SER A 45 -16.43 -13.86 -8.02
C SER A 45 -15.99 -15.21 -7.48
N GLY A 46 -15.14 -15.90 -8.25
CA GLY A 46 -14.65 -17.20 -7.84
C GLY A 46 -13.37 -17.58 -8.55
N GLY A 1 -1.43 -11.69 15.59
CA GLY A 1 -2.31 -11.75 16.74
C GLY A 1 -2.86 -10.40 17.13
N SER A 2 -3.94 -10.39 17.91
CA SER A 2 -4.57 -9.14 18.33
C SER A 2 -3.51 -8.08 18.64
N SER A 3 -2.46 -8.49 19.33
CA SER A 3 -1.38 -7.57 19.70
C SER A 3 -1.93 -6.22 20.11
N GLY A 4 -3.01 -6.23 20.88
CA GLY A 4 -3.63 -5.00 21.33
C GLY A 4 -4.33 -4.26 20.21
N SER A 5 -4.22 -2.94 20.22
CA SER A 5 -4.85 -2.11 19.20
C SER A 5 -3.81 -1.29 18.43
N SER A 6 -3.47 -1.77 17.24
CA SER A 6 -2.47 -1.08 16.41
C SER A 6 -2.66 0.43 16.48
N GLY A 7 -1.59 1.16 16.20
CA GLY A 7 -1.65 2.61 16.23
C GLY A 7 -0.27 3.24 16.40
N THR A 8 0.57 3.12 15.37
CA THR A 8 1.91 3.68 15.41
C THR A 8 2.08 4.77 14.36
N GLY A 9 2.13 6.02 14.82
CA GLY A 9 2.29 7.13 13.90
C GLY A 9 0.99 7.51 13.21
N GLU A 10 1.05 8.53 12.36
CA GLU A 10 -0.12 8.99 11.63
C GLU A 10 0.23 9.37 10.19
N LYS A 11 -0.45 8.73 9.25
CA LYS A 11 -0.20 9.01 7.83
C LYS A 11 -1.50 9.41 7.12
N PRO A 12 -1.37 10.29 6.12
CA PRO A 12 -2.52 10.76 5.35
C PRO A 12 -3.11 9.68 4.45
N TYR A 13 -2.25 8.78 3.97
CA TYR A 13 -2.69 7.70 3.10
C TYR A 13 -1.94 6.41 3.43
N ILE A 14 -2.69 5.30 3.48
CA ILE A 14 -2.09 4.01 3.79
C ILE A 14 -2.73 2.90 2.95
N CYS A 15 -1.90 2.10 2.31
CA CYS A 15 -2.38 1.00 1.48
C CYS A 15 -2.80 -0.19 2.32
N ALA A 16 -4.02 -0.14 2.84
CA ALA A 16 -4.54 -1.22 3.68
C ALA A 16 -4.22 -2.59 3.07
N GLU A 17 -4.35 -2.68 1.75
CA GLU A 17 -4.08 -3.94 1.05
C GLU A 17 -2.85 -4.63 1.63
N CYS A 18 -1.70 -3.97 1.55
CA CYS A 18 -0.46 -4.52 2.07
C CYS A 18 -0.11 -3.90 3.42
N GLY A 19 -0.17 -2.58 3.48
CA GLY A 19 0.14 -1.88 4.72
C GLY A 19 1.28 -0.89 4.56
N LYS A 20 1.22 -0.10 3.50
CA LYS A 20 2.25 0.90 3.23
C LYS A 20 1.76 2.30 3.56
N ALA A 21 2.69 3.25 3.61
CA ALA A 21 2.34 4.64 3.92
C ALA A 21 2.88 5.58 2.84
N PHE A 22 1.99 6.39 2.29
CA PHE A 22 2.37 7.35 1.25
C PHE A 22 2.10 8.78 1.70
N THR A 23 2.58 9.75 0.91
CA THR A 23 2.38 11.15 1.23
C THR A 23 1.36 11.79 0.30
N ILE A 24 1.59 11.66 -1.01
CA ILE A 24 0.70 12.22 -2.01
C ILE A 24 -0.31 11.17 -2.48
N ARG A 25 -1.60 11.46 -2.27
CA ARG A 25 -2.66 10.55 -2.69
C ARG A 25 -2.28 9.83 -3.97
N SER A 26 -1.79 10.58 -4.95
CA SER A 26 -1.40 10.01 -6.23
C SER A 26 -0.27 9.00 -6.06
N ASN A 27 0.78 9.40 -5.35
CA ASN A 27 1.92 8.52 -5.11
C ASN A 27 1.46 7.15 -4.63
N LEU A 28 0.25 7.08 -4.09
CA LEU A 28 -0.32 5.83 -3.59
C LEU A 28 -1.04 5.09 -4.70
N ILE A 29 -1.74 5.84 -5.55
CA ILE A 29 -2.49 5.24 -6.65
C ILE A 29 -1.57 4.43 -7.56
N LYS A 30 -0.45 5.02 -7.95
CA LYS A 30 0.52 4.34 -8.81
C LYS A 30 1.00 3.05 -8.16
N HIS A 31 0.78 2.92 -6.86
CA HIS A 31 1.21 1.73 -6.12
C HIS A 31 0.07 0.72 -6.04
N GLN A 32 -1.03 1.12 -5.40
CA GLN A 32 -2.18 0.23 -5.25
C GLN A 32 -2.44 -0.54 -6.53
N LYS A 33 -2.04 0.03 -7.66
CA LYS A 33 -2.23 -0.61 -8.96
C LYS A 33 -1.67 -2.03 -8.95
N ILE A 34 -0.48 -2.20 -8.39
CA ILE A 34 0.16 -3.51 -8.32
C ILE A 34 -0.82 -4.57 -7.82
N HIS A 35 -1.75 -4.15 -6.96
CA HIS A 35 -2.74 -5.06 -6.42
C HIS A 35 -3.86 -5.31 -7.42
N THR A 36 -4.17 -4.31 -8.23
CA THR A 36 -5.22 -4.42 -9.23
C THR A 36 -4.78 -5.32 -10.38
N LYS A 37 -3.49 -5.34 -10.66
CA LYS A 37 -2.94 -6.16 -11.73
C LYS A 37 -2.68 -7.58 -11.25
N GLN A 38 -3.62 -8.12 -10.50
CA GLN A 38 -3.49 -9.49 -9.97
C GLN A 38 -4.41 -10.44 -10.71
N LYS A 39 -5.65 -10.01 -10.93
CA LYS A 39 -6.64 -10.84 -11.63
C LYS A 39 -6.56 -10.60 -13.14
N PRO A 40 -6.72 -11.69 -13.91
CA PRO A 40 -6.68 -11.62 -15.37
C PRO A 40 -7.90 -10.91 -15.96
N SER A 41 -9.09 -11.35 -15.53
CA SER A 41 -10.33 -10.76 -16.01
C SER A 41 -11.29 -10.48 -14.86
N GLY A 42 -10.78 -9.80 -13.83
CA GLY A 42 -11.60 -9.49 -12.67
C GLY A 42 -12.00 -8.03 -12.63
N PRO A 43 -12.77 -7.65 -11.60
CA PRO A 43 -13.24 -6.28 -11.42
C PRO A 43 -12.10 -5.31 -11.06
N SER A 44 -12.46 -4.06 -10.81
CA SER A 44 -11.47 -3.05 -10.46
C SER A 44 -10.92 -3.28 -9.06
N SER A 45 -11.82 -3.53 -8.12
CA SER A 45 -11.43 -3.78 -6.73
C SER A 45 -12.60 -4.34 -5.93
N GLY A 46 -12.27 -5.07 -4.86
CA GLY A 46 -13.30 -5.67 -4.03
C GLY A 46 -14.43 -4.70 -3.73
N GLY A 1 2.64 10.01 30.59
CA GLY A 1 3.15 8.76 31.12
C GLY A 1 4.08 8.05 30.15
N SER A 2 3.63 7.88 28.91
CA SER A 2 4.42 7.21 27.90
C SER A 2 4.07 7.73 26.50
N SER A 3 5.04 8.41 25.87
CA SER A 3 4.83 8.96 24.54
C SER A 3 6.14 9.52 23.98
N GLY A 4 6.45 9.14 22.74
CA GLY A 4 7.67 9.61 22.12
C GLY A 4 7.72 9.30 20.63
N SER A 5 8.19 10.25 19.84
CA SER A 5 8.28 10.08 18.39
C SER A 5 9.47 10.85 17.83
N SER A 6 10.49 10.12 17.39
CA SER A 6 11.68 10.74 16.82
C SER A 6 11.33 11.57 15.59
N GLY A 7 10.55 10.99 14.69
CA GLY A 7 10.14 11.70 13.49
C GLY A 7 9.15 10.91 12.66
N THR A 8 9.62 10.34 11.56
CA THR A 8 8.76 9.56 10.67
C THR A 8 7.75 8.76 11.46
N GLY A 9 6.52 8.69 10.95
CA GLY A 9 5.47 7.95 11.62
C GLY A 9 4.26 7.72 10.74
N GLU A 10 3.08 7.94 11.29
CA GLU A 10 1.84 7.74 10.54
C GLU A 10 1.76 8.72 9.36
N LYS A 11 0.98 8.34 8.36
CA LYS A 11 0.81 9.18 7.17
C LYS A 11 -0.66 9.40 6.86
N PRO A 12 -0.97 10.53 6.21
CA PRO A 12 -2.35 10.88 5.84
C PRO A 12 -2.89 9.99 4.73
N TYR A 13 -2.06 9.06 4.26
CA TYR A 13 -2.46 8.15 3.20
C TYR A 13 -1.72 6.83 3.32
N ILE A 14 -2.45 5.76 3.58
CA ILE A 14 -1.87 4.43 3.70
C ILE A 14 -2.75 3.37 3.06
N CYS A 15 -2.11 2.39 2.43
CA CYS A 15 -2.84 1.31 1.77
C CYS A 15 -3.32 0.27 2.79
N ALA A 16 -4.32 -0.51 2.41
CA ALA A 16 -4.86 -1.55 3.28
C ALA A 16 -4.45 -2.94 2.80
N GLU A 17 -4.46 -3.12 1.48
CA GLU A 17 -4.09 -4.42 0.90
C GLU A 17 -2.82 -4.96 1.53
N CYS A 18 -1.75 -4.18 1.47
CA CYS A 18 -0.47 -4.59 2.04
C CYS A 18 -0.14 -3.76 3.27
N GLY A 19 -0.38 -2.45 3.20
CA GLY A 19 -0.11 -1.58 4.32
C GLY A 19 1.02 -0.60 4.04
N LYS A 20 1.12 -0.17 2.78
CA LYS A 20 2.16 0.76 2.38
C LYS A 20 1.80 2.19 2.80
N ALA A 21 2.79 2.90 3.34
CA ALA A 21 2.58 4.28 3.78
C ALA A 21 3.05 5.27 2.72
N PHE A 22 2.17 6.20 2.36
CA PHE A 22 2.48 7.20 1.35
C PHE A 22 2.18 8.61 1.88
N THR A 23 2.66 9.62 1.16
CA THR A 23 2.46 11.00 1.55
C THR A 23 1.51 11.71 0.58
N ILE A 24 1.67 11.43 -0.71
CA ILE A 24 0.82 12.04 -1.73
C ILE A 24 -0.26 11.08 -2.18
N ARG A 25 -1.51 11.47 -1.99
CA ARG A 25 -2.65 10.65 -2.37
C ARG A 25 -2.41 10.01 -3.74
N SER A 26 -1.86 10.80 -4.66
CA SER A 26 -1.59 10.31 -6.01
C SER A 26 -0.52 9.22 -5.98
N ASN A 27 0.57 9.47 -5.28
CA ASN A 27 1.66 8.52 -5.18
C ASN A 27 1.15 7.14 -4.77
N LEU A 28 -0.03 7.12 -4.15
CA LEU A 28 -0.64 5.87 -3.70
C LEU A 28 -1.54 5.30 -4.79
N ILE A 29 -2.03 6.16 -5.67
CA ILE A 29 -2.90 5.74 -6.76
C ILE A 29 -2.21 4.73 -7.66
N LYS A 30 -0.92 4.98 -7.93
CA LYS A 30 -0.14 4.08 -8.78
C LYS A 30 0.26 2.82 -8.03
N HIS A 31 0.54 2.96 -6.74
CA HIS A 31 0.92 1.84 -5.90
C HIS A 31 -0.08 0.70 -6.04
N GLN A 32 -1.36 1.05 -6.12
CA GLN A 32 -2.41 0.05 -6.24
C GLN A 32 -2.12 -0.92 -7.39
N LYS A 33 -1.21 -0.52 -8.26
CA LYS A 33 -0.83 -1.34 -9.41
C LYS A 33 -0.44 -2.75 -8.97
N ILE A 34 0.33 -2.83 -7.89
CA ILE A 34 0.78 -4.11 -7.35
C ILE A 34 -0.40 -4.92 -6.82
N HIS A 35 -1.58 -4.31 -6.84
CA HIS A 35 -2.78 -4.98 -6.35
C HIS A 35 -3.73 -5.31 -7.51
N THR A 36 -3.16 -5.38 -8.72
CA THR A 36 -3.95 -5.68 -9.90
C THR A 36 -3.06 -6.16 -11.05
N LYS A 37 -3.50 -7.20 -11.75
CA LYS A 37 -2.74 -7.74 -12.88
C LYS A 37 -3.57 -7.71 -14.15
N GLN A 38 -3.03 -7.08 -15.18
CA GLN A 38 -3.72 -6.98 -16.47
C GLN A 38 -4.46 -8.28 -16.79
N LYS A 39 -5.55 -8.17 -17.53
CA LYS A 39 -6.34 -9.33 -17.91
C LYS A 39 -6.92 -9.16 -19.32
N PRO A 40 -7.31 -10.28 -19.93
CA PRO A 40 -7.89 -10.29 -21.28
C PRO A 40 -9.27 -9.66 -21.33
N SER A 41 -9.73 -9.17 -20.17
CA SER A 41 -11.05 -8.54 -20.09
C SER A 41 -11.04 -7.18 -20.77
N GLY A 42 -11.20 -7.20 -22.10
CA GLY A 42 -11.22 -5.95 -22.85
C GLY A 42 -10.15 -5.91 -23.92
N PRO A 43 -10.45 -5.26 -25.05
CA PRO A 43 -9.51 -5.14 -26.17
C PRO A 43 -8.34 -4.21 -25.85
N SER A 44 -8.66 -3.02 -25.35
CA SER A 44 -7.62 -2.04 -25.00
C SER A 44 -7.33 -2.08 -23.50
N SER A 45 -6.39 -1.24 -23.07
CA SER A 45 -6.01 -1.18 -21.67
C SER A 45 -5.84 0.27 -21.21
N GLY A 46 -6.53 0.63 -20.13
CA GLY A 46 -6.44 1.98 -19.61
C GLY A 46 -6.45 3.03 -20.71
N GLY A 1 11.54 4.83 26.16
CA GLY A 1 12.30 4.44 24.99
C GLY A 1 12.06 5.36 23.81
N SER A 2 13.13 5.68 23.07
CA SER A 2 13.02 6.56 21.92
C SER A 2 12.02 6.01 20.91
N SER A 3 11.29 6.92 20.26
CA SER A 3 10.29 6.54 19.28
C SER A 3 10.86 6.59 17.86
N GLY A 4 11.51 7.72 17.55
CA GLY A 4 12.10 7.88 16.22
C GLY A 4 11.72 9.19 15.58
N SER A 5 11.76 9.24 14.25
CA SER A 5 11.42 10.44 13.51
C SER A 5 9.92 10.71 13.56
N SER A 6 9.56 11.98 13.71
CA SER A 6 8.16 12.36 13.78
C SER A 6 7.56 12.50 12.38
N GLY A 7 8.26 13.24 11.51
CA GLY A 7 7.79 13.44 10.16
C GLY A 7 6.80 14.57 10.05
N THR A 8 6.97 15.41 9.03
CA THR A 8 6.09 16.55 8.82
C THR A 8 4.66 16.10 8.57
N GLY A 9 4.48 15.23 7.58
CA GLY A 9 3.15 14.73 7.27
C GLY A 9 2.56 13.89 8.38
N GLU A 10 1.30 13.51 8.22
CA GLU A 10 0.62 12.70 9.23
C GLU A 10 0.05 11.43 8.61
N LYS A 11 0.81 10.81 7.71
CA LYS A 11 0.37 9.59 7.04
C LYS A 11 -1.12 9.64 6.72
N PRO A 12 -1.53 10.70 6.01
CA PRO A 12 -2.94 10.89 5.63
C PRO A 12 -3.40 9.88 4.58
N TYR A 13 -2.48 9.01 4.18
CA TYR A 13 -2.79 7.99 3.17
C TYR A 13 -1.98 6.72 3.42
N ILE A 14 -2.67 5.59 3.50
CA ILE A 14 -2.02 4.31 3.72
C ILE A 14 -2.67 3.20 2.89
N CYS A 15 -1.86 2.47 2.14
CA CYS A 15 -2.35 1.39 1.31
C CYS A 15 -3.18 0.41 2.13
N ALA A 16 -4.36 0.08 1.62
CA ALA A 16 -5.26 -0.85 2.30
C ALA A 16 -5.19 -2.23 1.68
N GLU A 17 -3.99 -2.65 1.29
CA GLU A 17 -3.80 -3.95 0.67
C GLU A 17 -2.59 -4.67 1.27
N CYS A 18 -1.55 -3.90 1.59
CA CYS A 18 -0.34 -4.45 2.18
C CYS A 18 -0.02 -3.78 3.50
N GLY A 19 -0.09 -2.46 3.53
CA GLY A 19 0.19 -1.72 4.74
C GLY A 19 1.34 -0.74 4.56
N LYS A 20 1.41 -0.12 3.38
CA LYS A 20 2.47 0.85 3.09
C LYS A 20 1.94 2.27 3.25
N ALA A 21 2.76 3.13 3.84
CA ALA A 21 2.40 4.53 4.05
C ALA A 21 2.91 5.40 2.92
N PHE A 22 2.20 6.49 2.65
CA PHE A 22 2.59 7.41 1.59
C PHE A 22 2.35 8.86 2.02
N THR A 23 2.85 9.80 1.21
CA THR A 23 2.69 11.21 1.50
C THR A 23 1.66 11.86 0.57
N ILE A 24 1.75 11.55 -0.71
CA ILE A 24 0.83 12.10 -1.70
C ILE A 24 -0.16 11.03 -2.18
N ARG A 25 -1.42 11.22 -1.81
CA ARG A 25 -2.46 10.27 -2.20
C ARG A 25 -2.23 9.75 -3.61
N SER A 26 -1.80 10.64 -4.50
CA SER A 26 -1.54 10.27 -5.89
C SER A 26 -0.46 9.19 -5.98
N ASN A 27 0.69 9.47 -5.37
CA ASN A 27 1.80 8.53 -5.38
C ASN A 27 1.31 7.12 -5.04
N LEU A 28 0.29 7.03 -4.19
CA LEU A 28 -0.26 5.74 -3.80
C LEU A 28 -1.15 5.17 -4.90
N ILE A 29 -1.83 6.05 -5.63
CA ILE A 29 -2.71 5.64 -6.71
C ILE A 29 -2.02 4.62 -7.61
N LYS A 30 -0.77 4.88 -7.94
CA LYS A 30 0.01 3.98 -8.79
C LYS A 30 0.25 2.65 -8.11
N HIS A 31 0.67 2.70 -6.85
CA HIS A 31 0.93 1.49 -6.08
C HIS A 31 -0.19 0.46 -6.27
N GLN A 32 -1.42 0.89 -5.99
CA GLN A 32 -2.57 0.01 -6.12
C GLN A 32 -2.45 -0.86 -7.36
N LYS A 33 -1.78 -0.34 -8.39
CA LYS A 33 -1.59 -1.07 -9.63
C LYS A 33 -1.16 -2.50 -9.36
N ILE A 34 -0.12 -2.66 -8.52
CA ILE A 34 0.38 -3.98 -8.18
C ILE A 34 -0.63 -4.76 -7.34
N HIS A 35 -1.59 -4.04 -6.76
CA HIS A 35 -2.61 -4.67 -5.94
C HIS A 35 -3.86 -4.96 -6.77
N THR A 36 -3.70 -5.04 -8.08
CA THR A 36 -4.81 -5.30 -8.98
C THR A 36 -5.08 -6.80 -9.09
N LYS A 37 -4.02 -7.59 -9.06
CA LYS A 37 -4.14 -9.04 -9.16
C LYS A 37 -4.41 -9.65 -7.78
N GLN A 38 -5.69 -9.87 -7.48
CA GLN A 38 -6.08 -10.45 -6.20
C GLN A 38 -5.46 -11.83 -6.02
N LYS A 39 -4.41 -11.89 -5.21
CA LYS A 39 -3.72 -13.14 -4.94
C LYS A 39 -3.01 -13.10 -3.59
N PRO A 40 -3.23 -14.14 -2.77
CA PRO A 40 -2.62 -14.24 -1.43
C PRO A 40 -1.11 -14.49 -1.51
N SER A 41 -0.34 -13.42 -1.48
CA SER A 41 1.11 -13.52 -1.55
C SER A 41 1.72 -13.57 -0.15
N GLY A 42 1.30 -12.64 0.70
CA GLY A 42 1.81 -12.60 2.06
C GLY A 42 2.39 -11.24 2.42
N PRO A 43 1.53 -10.23 2.50
CA PRO A 43 1.94 -8.87 2.85
C PRO A 43 2.39 -8.73 4.29
N SER A 44 3.70 -8.64 4.49
CA SER A 44 4.27 -8.51 5.83
C SER A 44 5.71 -8.02 5.77
N SER A 45 5.93 -6.83 6.31
CA SER A 45 7.27 -6.23 6.32
C SER A 45 7.94 -6.42 7.68
N GLY A 46 9.26 -6.56 7.66
CA GLY A 46 10.00 -6.75 8.90
C GLY A 46 10.82 -5.53 9.27
N GLY A 1 1.30 -5.50 17.12
CA GLY A 1 2.20 -4.38 17.36
C GLY A 1 1.49 -3.04 17.31
N SER A 2 1.40 -2.38 18.46
CA SER A 2 0.74 -1.09 18.56
C SER A 2 1.64 -0.05 19.24
N SER A 3 2.54 0.55 18.46
CA SER A 3 3.47 1.54 19.00
C SER A 3 4.26 2.20 17.87
N GLY A 4 5.01 3.23 18.22
CA GLY A 4 5.81 3.93 17.23
C GLY A 4 7.22 4.21 17.71
N SER A 5 8.13 4.39 16.76
CA SER A 5 9.53 4.66 17.09
C SER A 5 9.79 6.16 17.21
N SER A 6 8.72 6.95 17.06
CA SER A 6 8.83 8.40 17.13
C SER A 6 7.46 9.04 17.23
N GLY A 7 7.20 9.72 18.34
CA GLY A 7 5.92 10.38 18.55
C GLY A 7 5.84 11.73 17.87
N THR A 8 5.99 11.72 16.54
CA THR A 8 5.93 12.96 15.77
C THR A 8 4.69 13.00 14.89
N GLY A 9 4.52 11.97 14.07
CA GLY A 9 3.37 11.91 13.18
C GLY A 9 3.51 10.83 12.12
N GLU A 10 2.42 10.55 11.42
CA GLU A 10 2.42 9.53 10.37
C GLU A 10 1.70 10.03 9.12
N LYS A 11 1.90 9.33 8.01
CA LYS A 11 1.27 9.70 6.75
C LYS A 11 -0.21 9.34 6.76
N PRO A 12 -1.04 10.27 6.31
CA PRO A 12 -2.50 10.08 6.25
C PRO A 12 -2.90 9.07 5.19
N TYR A 13 -2.01 8.85 4.22
CA TYR A 13 -2.28 7.90 3.14
C TYR A 13 -1.60 6.56 3.40
N ILE A 14 -2.41 5.55 3.71
CA ILE A 14 -1.88 4.21 3.97
C ILE A 14 -2.61 3.16 3.16
N CYS A 15 -1.88 2.47 2.29
CA CYS A 15 -2.46 1.43 1.45
C CYS A 15 -3.33 0.48 2.29
N ALA A 16 -4.52 0.19 1.78
CA ALA A 16 -5.43 -0.70 2.47
C ALA A 16 -5.40 -2.10 1.87
N GLU A 17 -4.26 -2.46 1.28
CA GLU A 17 -4.10 -3.78 0.66
C GLU A 17 -2.93 -4.52 1.28
N CYS A 18 -1.83 -3.81 1.53
CA CYS A 18 -0.65 -4.40 2.12
C CYS A 18 -0.33 -3.78 3.48
N GLY A 19 -0.31 -2.44 3.52
CA GLY A 19 -0.03 -1.75 4.76
C GLY A 19 1.10 -0.73 4.60
N LYS A 20 1.21 -0.16 3.41
CA LYS A 20 2.26 0.82 3.14
C LYS A 20 1.74 2.24 3.35
N ALA A 21 2.65 3.19 3.50
CA ALA A 21 2.28 4.59 3.69
C ALA A 21 2.59 5.42 2.45
N PHE A 22 2.02 6.61 2.38
CA PHE A 22 2.23 7.51 1.26
C PHE A 22 1.99 8.96 1.65
N THR A 23 2.70 9.87 1.00
CA THR A 23 2.58 11.29 1.28
C THR A 23 1.61 11.97 0.32
N ILE A 24 1.63 11.53 -0.93
CA ILE A 24 0.75 12.08 -1.96
C ILE A 24 -0.27 11.05 -2.42
N ARG A 25 -1.52 11.49 -2.57
CA ARG A 25 -2.60 10.61 -3.00
C ARG A 25 -2.18 9.82 -4.24
N SER A 26 -1.61 10.52 -5.21
CA SER A 26 -1.17 9.88 -6.45
C SER A 26 -0.17 8.76 -6.16
N ASN A 27 0.87 9.09 -5.41
CA ASN A 27 1.90 8.12 -5.05
C ASN A 27 1.27 6.80 -4.61
N LEU A 28 0.14 6.89 -3.92
CA LEU A 28 -0.56 5.70 -3.45
C LEU A 28 -1.46 5.11 -4.54
N ILE A 29 -2.21 5.99 -5.21
CA ILE A 29 -3.11 5.57 -6.27
C ILE A 29 -2.34 4.80 -7.36
N LYS A 30 -1.07 5.14 -7.53
CA LYS A 30 -0.22 4.50 -8.53
C LYS A 30 0.34 3.18 -8.00
N HIS A 31 0.46 3.09 -6.67
CA HIS A 31 0.99 1.89 -6.03
C HIS A 31 -0.03 0.75 -6.09
N GLN A 32 -1.31 1.11 -5.99
CA GLN A 32 -2.38 0.12 -6.02
C GLN A 32 -2.30 -0.73 -7.29
N LYS A 33 -1.50 -0.28 -8.25
CA LYS A 33 -1.33 -1.01 -9.50
C LYS A 33 -0.82 -2.42 -9.25
N ILE A 34 0.27 -2.53 -8.50
CA ILE A 34 0.86 -3.82 -8.18
C ILE A 34 -0.16 -4.73 -7.48
N HIS A 35 -1.24 -4.13 -7.01
CA HIS A 35 -2.29 -4.87 -6.32
C HIS A 35 -3.38 -5.31 -7.29
N THR A 36 -3.42 -4.65 -8.45
CA THR A 36 -4.42 -4.98 -9.48
C THR A 36 -3.75 -5.41 -10.78
N LYS A 37 -4.42 -6.30 -11.51
CA LYS A 37 -3.88 -6.79 -12.77
C LYS A 37 -2.54 -7.48 -12.57
N GLN A 38 -2.44 -8.27 -11.51
CA GLN A 38 -1.21 -8.99 -11.21
C GLN A 38 -1.46 -10.49 -11.14
N LYS A 39 -2.74 -10.87 -11.05
CA LYS A 39 -3.11 -12.27 -10.98
C LYS A 39 -3.32 -12.85 -12.38
N PRO A 40 -2.84 -14.08 -12.60
CA PRO A 40 -2.97 -14.77 -13.89
C PRO A 40 -4.40 -15.17 -14.18
N SER A 41 -5.04 -15.85 -13.23
CA SER A 41 -6.41 -16.30 -13.39
C SER A 41 -6.65 -16.86 -14.79
N GLY A 42 -5.67 -17.64 -15.27
CA GLY A 42 -5.78 -18.23 -16.60
C GLY A 42 -4.82 -19.38 -16.79
N PRO A 43 -3.56 -19.06 -17.15
CA PRO A 43 -2.53 -20.06 -17.38
C PRO A 43 -2.09 -20.75 -16.09
N SER A 44 -2.20 -20.04 -14.98
CA SER A 44 -1.81 -20.58 -13.68
C SER A 44 -2.46 -21.94 -13.44
N SER A 45 -3.79 -21.97 -13.50
CA SER A 45 -4.53 -23.21 -13.28
C SER A 45 -5.56 -23.42 -14.38
N GLY A 46 -5.08 -23.81 -15.56
CA GLY A 46 -5.98 -24.05 -16.69
C GLY A 46 -7.07 -23.01 -16.78
N GLY A 1 6.60 -12.36 0.10
CA GLY A 1 6.44 -12.69 1.52
C GLY A 1 6.36 -11.45 2.40
N SER A 2 7.52 -10.92 2.76
CA SER A 2 7.58 -9.73 3.60
C SER A 2 7.42 -8.46 2.78
N SER A 3 6.49 -8.50 1.83
CA SER A 3 6.24 -7.35 0.97
C SER A 3 6.05 -6.08 1.78
N GLY A 4 6.95 -5.12 1.58
CA GLY A 4 6.86 -3.86 2.31
C GLY A 4 8.23 -3.25 2.56
N SER A 5 8.25 -2.18 3.35
CA SER A 5 9.51 -1.49 3.65
C SER A 5 9.38 -0.69 4.95
N SER A 6 10.52 -0.33 5.53
CA SER A 6 10.55 0.43 6.77
C SER A 6 9.74 1.71 6.63
N GLY A 7 9.09 2.11 7.73
CA GLY A 7 8.29 3.33 7.70
C GLY A 7 8.37 4.08 9.01
N THR A 8 8.30 5.41 8.93
CA THR A 8 8.36 6.25 10.12
C THR A 8 7.50 7.50 9.96
N GLY A 9 6.81 7.89 11.03
CA GLY A 9 5.96 9.06 10.98
C GLY A 9 4.51 8.71 10.75
N GLU A 10 3.70 9.72 10.43
CA GLU A 10 2.28 9.52 10.18
C GLU A 10 1.89 10.03 8.80
N LYS A 11 1.36 9.13 7.97
CA LYS A 11 0.94 9.48 6.62
C LYS A 11 -0.58 9.45 6.50
N PRO A 12 -1.14 10.46 5.81
CA PRO A 12 -2.59 10.56 5.59
C PRO A 12 -3.11 9.50 4.64
N TYR A 13 -2.20 8.84 3.93
CA TYR A 13 -2.57 7.80 2.98
C TYR A 13 -1.89 6.49 3.33
N ILE A 14 -2.68 5.43 3.46
CA ILE A 14 -2.15 4.11 3.79
C ILE A 14 -2.82 3.02 2.96
N CYS A 15 -2.01 2.17 2.34
CA CYS A 15 -2.52 1.09 1.51
C CYS A 15 -2.97 -0.10 2.37
N ALA A 16 -4.18 -0.01 2.92
CA ALA A 16 -4.71 -1.07 3.75
C ALA A 16 -4.47 -2.45 3.13
N GLU A 17 -4.60 -2.51 1.82
CA GLU A 17 -4.40 -3.77 1.10
C GLU A 17 -3.22 -4.54 1.67
N CYS A 18 -2.06 -3.90 1.72
CA CYS A 18 -0.86 -4.52 2.25
C CYS A 18 -0.40 -3.83 3.53
N GLY A 19 -0.37 -2.50 3.50
CA GLY A 19 0.04 -1.73 4.67
C GLY A 19 1.19 -0.80 4.36
N LYS A 20 1.17 -0.20 3.17
CA LYS A 20 2.21 0.73 2.76
C LYS A 20 1.94 2.12 3.29
N ALA A 21 2.81 3.06 2.96
CA ALA A 21 2.66 4.45 3.40
C ALA A 21 3.13 5.43 2.33
N PHE A 22 2.38 6.50 2.15
CA PHE A 22 2.72 7.51 1.15
C PHE A 22 2.37 8.92 1.65
N THR A 23 2.94 9.93 1.01
CA THR A 23 2.69 11.32 1.40
C THR A 23 1.61 11.94 0.51
N ILE A 24 1.79 11.81 -0.79
CA ILE A 24 0.83 12.37 -1.75
C ILE A 24 -0.30 11.38 -2.04
N ARG A 25 -1.48 11.91 -2.30
CA ARG A 25 -2.64 11.08 -2.58
C ARG A 25 -2.42 10.26 -3.86
N SER A 26 -1.95 10.93 -4.91
CA SER A 26 -1.70 10.26 -6.17
C SER A 26 -0.64 9.17 -6.03
N ASN A 27 0.40 9.48 -5.25
CA ASN A 27 1.48 8.53 -5.03
C ASN A 27 0.94 7.14 -4.70
N LEU A 28 -0.02 7.10 -3.79
CA LEU A 28 -0.64 5.83 -3.39
C LEU A 28 -1.19 5.09 -4.60
N ILE A 29 -2.16 5.68 -5.27
CA ILE A 29 -2.77 5.08 -6.44
C ILE A 29 -1.76 4.27 -7.23
N LYS A 30 -0.65 4.91 -7.60
CA LYS A 30 0.40 4.24 -8.35
C LYS A 30 0.70 2.87 -7.78
N HIS A 31 0.84 2.81 -6.45
CA HIS A 31 1.12 1.54 -5.77
C HIS A 31 -0.02 0.55 -5.97
N GLN A 32 -1.24 1.04 -5.90
CA GLN A 32 -2.42 0.18 -6.07
C GLN A 32 -2.30 -0.65 -7.33
N LYS A 33 -1.41 -0.24 -8.23
CA LYS A 33 -1.19 -0.96 -9.49
C LYS A 33 -0.88 -2.42 -9.22
N ILE A 34 0.04 -2.68 -8.30
CA ILE A 34 0.43 -4.04 -7.96
C ILE A 34 -0.71 -4.79 -7.30
N HIS A 35 -1.75 -4.05 -6.89
CA HIS A 35 -2.91 -4.65 -6.25
C HIS A 35 -4.04 -4.85 -7.26
N THR A 36 -4.06 -4.00 -8.29
CA THR A 36 -5.09 -4.09 -9.31
C THR A 36 -4.64 -4.97 -10.48
N LYS A 37 -5.14 -6.20 -10.50
CA LYS A 37 -4.79 -7.14 -11.56
C LYS A 37 -5.89 -8.20 -11.73
N GLN A 38 -6.14 -8.58 -12.98
CA GLN A 38 -7.16 -9.58 -13.28
C GLN A 38 -6.65 -10.59 -14.31
N LYS A 39 -7.36 -11.69 -14.45
CA LYS A 39 -6.99 -12.73 -15.41
C LYS A 39 -7.20 -12.25 -16.84
N PRO A 40 -6.23 -12.56 -17.71
CA PRO A 40 -6.28 -12.17 -19.12
C PRO A 40 -7.36 -12.94 -19.90
N SER A 41 -7.38 -12.75 -21.21
CA SER A 41 -8.35 -13.41 -22.06
C SER A 41 -8.29 -14.93 -21.87
N GLY A 42 -7.07 -15.46 -21.83
CA GLY A 42 -6.89 -16.90 -21.65
C GLY A 42 -5.45 -17.26 -21.39
N PRO A 43 -4.67 -17.48 -22.47
CA PRO A 43 -3.26 -17.84 -22.37
C PRO A 43 -2.40 -16.70 -21.84
N SER A 44 -1.44 -17.03 -20.99
CA SER A 44 -0.55 -16.03 -20.42
C SER A 44 0.89 -16.28 -20.84
N SER A 45 1.61 -15.20 -21.13
CA SER A 45 3.01 -15.30 -21.56
C SER A 45 3.89 -14.34 -20.77
N GLY A 46 4.89 -14.90 -20.09
CA GLY A 46 5.79 -14.08 -19.29
C GLY A 46 7.09 -13.77 -20.02
N GLY A 1 10.72 1.06 28.80
CA GLY A 1 9.77 1.42 27.76
C GLY A 1 9.83 2.90 27.41
N SER A 2 10.47 3.21 26.29
CA SER A 2 10.61 4.60 25.85
C SER A 2 9.78 4.84 24.59
N SER A 3 8.72 5.64 24.72
CA SER A 3 7.86 5.95 23.60
C SER A 3 7.35 7.38 23.69
N GLY A 4 7.14 8.01 22.53
CA GLY A 4 6.67 9.37 22.50
C GLY A 4 6.56 9.92 21.10
N SER A 5 5.36 9.85 20.52
CA SER A 5 5.13 10.34 19.17
C SER A 5 3.98 11.34 19.14
N SER A 6 4.21 12.47 18.46
CA SER A 6 3.20 13.51 18.37
C SER A 6 2.88 13.83 16.90
N GLY A 7 1.92 13.11 16.35
CA GLY A 7 1.54 13.31 14.95
C GLY A 7 2.72 13.65 14.07
N THR A 8 3.65 12.71 13.95
CA THR A 8 4.84 12.91 13.13
C THR A 8 4.82 12.03 11.89
N GLY A 9 4.68 12.66 10.73
CA GLY A 9 4.65 11.92 9.48
C GLY A 9 3.69 12.52 8.48
N GLU A 10 4.22 12.93 7.32
CA GLU A 10 3.40 13.53 6.29
C GLU A 10 2.84 12.47 5.35
N LYS A 11 2.33 11.39 5.93
CA LYS A 11 1.75 10.29 5.16
C LYS A 11 0.38 9.90 5.70
N PRO A 12 -0.63 10.75 5.41
CA PRO A 12 -2.01 10.51 5.86
C PRO A 12 -2.65 9.33 5.14
N TYR A 13 -2.10 8.98 3.98
CA TYR A 13 -2.62 7.88 3.18
C TYR A 13 -1.81 6.61 3.41
N ILE A 14 -2.49 5.49 3.57
CA ILE A 14 -1.83 4.21 3.79
C ILE A 14 -2.60 3.07 3.13
N CYS A 15 -1.92 2.34 2.25
CA CYS A 15 -2.54 1.22 1.55
C CYS A 15 -2.89 0.10 2.52
N ALA A 16 -4.17 -0.02 2.84
CA ALA A 16 -4.64 -1.06 3.75
C ALA A 16 -4.45 -2.45 3.15
N GLU A 17 -4.73 -2.57 1.86
CA GLU A 17 -4.59 -3.85 1.18
C GLU A 17 -3.40 -4.63 1.71
N CYS A 18 -2.23 -4.01 1.66
CA CYS A 18 -1.00 -4.63 2.14
C CYS A 18 -0.49 -3.95 3.41
N GLY A 19 -0.41 -2.62 3.36
CA GLY A 19 0.07 -1.87 4.52
C GLY A 19 1.18 -0.91 4.16
N LYS A 20 1.01 -0.18 3.07
CA LYS A 20 2.01 0.78 2.62
C LYS A 20 1.61 2.21 3.03
N ALA A 21 2.59 3.10 3.06
CA ALA A 21 2.35 4.49 3.42
C ALA A 21 2.78 5.43 2.30
N PHE A 22 2.05 6.53 2.16
CA PHE A 22 2.35 7.52 1.12
C PHE A 22 1.97 8.93 1.57
N THR A 23 2.55 9.93 0.93
CA THR A 23 2.28 11.31 1.27
C THR A 23 1.21 11.90 0.34
N ILE A 24 1.46 11.81 -0.96
CA ILE A 24 0.52 12.32 -1.94
C ILE A 24 -0.50 11.27 -2.35
N ARG A 25 -1.78 11.60 -2.21
CA ARG A 25 -2.85 10.67 -2.56
C ARG A 25 -2.53 9.94 -3.86
N SER A 26 -1.88 10.64 -4.78
CA SER A 26 -1.52 10.07 -6.06
C SER A 26 -0.45 8.98 -5.90
N ASN A 27 0.64 9.34 -5.25
CA ASN A 27 1.74 8.41 -5.01
C ASN A 27 1.20 7.04 -4.60
N LEU A 28 0.07 7.03 -3.90
CA LEU A 28 -0.54 5.79 -3.44
C LEU A 28 -1.16 5.03 -4.61
N ILE A 29 -1.96 5.73 -5.40
CA ILE A 29 -2.61 5.12 -6.55
C ILE A 29 -1.65 4.24 -7.33
N LYS A 30 -0.51 4.82 -7.71
CA LYS A 30 0.52 4.09 -8.46
C LYS A 30 0.79 2.73 -7.83
N HIS A 31 1.25 2.75 -6.57
CA HIS A 31 1.55 1.52 -5.86
C HIS A 31 0.36 0.56 -5.89
N GLN A 32 -0.82 1.08 -5.57
CA GLN A 32 -2.03 0.28 -5.55
C GLN A 32 -2.22 -0.44 -6.89
N LYS A 33 -1.49 0.01 -7.90
CA LYS A 33 -1.58 -0.58 -9.23
C LYS A 33 -0.98 -1.99 -9.23
N ILE A 34 -0.33 -2.36 -8.13
CA ILE A 34 0.29 -3.67 -8.00
C ILE A 34 -0.76 -4.74 -7.66
N HIS A 35 -1.87 -4.29 -7.06
CA HIS A 35 -2.94 -5.20 -6.67
C HIS A 35 -3.92 -5.40 -7.82
N THR A 36 -3.49 -5.04 -9.02
CA THR A 36 -4.33 -5.17 -10.21
C THR A 36 -4.39 -6.61 -10.68
N LYS A 37 -3.34 -7.37 -10.38
CA LYS A 37 -3.27 -8.78 -10.77
C LYS A 37 -3.93 -9.67 -9.72
N GLN A 38 -4.08 -10.95 -10.05
CA GLN A 38 -4.69 -11.91 -9.14
C GLN A 38 -4.26 -13.32 -9.46
N LYS A 39 -4.59 -14.25 -8.58
CA LYS A 39 -4.23 -15.66 -8.76
C LYS A 39 -5.13 -16.32 -9.80
N PRO A 40 -4.54 -17.15 -10.65
CA PRO A 40 -5.27 -17.87 -11.71
C PRO A 40 -6.18 -18.95 -11.14
N SER A 41 -7.10 -19.44 -11.97
CA SER A 41 -8.03 -20.47 -11.56
C SER A 41 -7.30 -21.76 -11.21
N GLY A 42 -6.69 -22.38 -12.22
CA GLY A 42 -5.97 -23.62 -12.02
C GLY A 42 -4.96 -23.90 -13.12
N PRO A 43 -3.83 -24.51 -12.75
CA PRO A 43 -2.77 -24.84 -13.70
C PRO A 43 -3.17 -25.95 -14.66
N SER A 44 -4.35 -26.53 -14.42
CA SER A 44 -4.85 -27.61 -15.26
C SER A 44 -4.60 -27.31 -16.74
N SER A 45 -4.61 -28.36 -17.56
CA SER A 45 -4.37 -28.22 -18.99
C SER A 45 -4.83 -29.46 -19.75
N GLY A 46 -5.55 -29.25 -20.85
CA GLY A 46 -6.02 -30.37 -21.64
C GLY A 46 -5.84 -30.15 -23.12
N GLY A 1 15.17 -1.28 29.80
CA GLY A 1 14.89 -2.26 28.77
C GLY A 1 14.97 -1.69 27.37
N SER A 2 14.01 -2.07 26.52
CA SER A 2 13.97 -1.60 25.15
C SER A 2 12.54 -1.50 24.65
N SER A 3 12.05 -0.27 24.51
CA SER A 3 10.68 -0.04 24.04
C SER A 3 10.69 0.62 22.67
N GLY A 4 9.51 0.69 22.05
CA GLY A 4 9.40 1.29 20.73
C GLY A 4 7.96 1.36 20.26
N SER A 5 7.75 1.01 18.99
CA SER A 5 6.42 1.03 18.40
C SER A 5 6.42 0.42 17.01
N SER A 6 5.43 -0.43 16.74
CA SER A 6 5.32 -1.10 15.44
C SER A 6 4.72 -0.16 14.41
N GLY A 7 5.14 -0.32 13.16
CA GLY A 7 4.63 0.52 12.09
C GLY A 7 5.29 1.88 12.05
N THR A 8 4.91 2.74 12.99
CA THR A 8 5.47 4.09 13.06
C THR A 8 5.34 4.81 11.73
N GLY A 9 4.12 4.84 11.20
CA GLY A 9 3.88 5.51 9.93
C GLY A 9 3.84 7.01 10.06
N GLU A 10 4.54 7.70 9.17
CA GLU A 10 4.59 9.16 9.20
C GLU A 10 3.85 9.75 8.00
N LYS A 11 2.72 9.15 7.65
CA LYS A 11 1.92 9.62 6.52
C LYS A 11 0.44 9.42 6.78
N PRO A 12 -0.39 10.37 6.30
CA PRO A 12 -1.84 10.32 6.47
C PRO A 12 -2.48 9.21 5.65
N TYR A 13 -1.90 8.92 4.49
CA TYR A 13 -2.40 7.87 3.62
C TYR A 13 -1.78 6.52 3.94
N ILE A 14 -2.62 5.49 3.98
CA ILE A 14 -2.15 4.14 4.28
C ILE A 14 -2.86 3.10 3.41
N CYS A 15 -2.07 2.30 2.70
CA CYS A 15 -2.63 1.26 1.84
C CYS A 15 -3.07 0.05 2.65
N ALA A 16 -4.20 0.18 3.33
CA ALA A 16 -4.73 -0.91 4.14
C ALA A 16 -4.51 -2.26 3.47
N GLU A 17 -4.79 -2.32 2.18
CA GLU A 17 -4.62 -3.56 1.42
C GLU A 17 -3.40 -4.33 1.90
N CYS A 18 -2.23 -3.70 1.84
CA CYS A 18 -0.99 -4.32 2.27
C CYS A 18 -0.49 -3.71 3.58
N GLY A 19 -0.51 -2.38 3.65
CA GLY A 19 -0.06 -1.69 4.84
C GLY A 19 1.09 -0.75 4.58
N LYS A 20 1.02 -0.06 3.44
CA LYS A 20 2.07 0.88 3.06
C LYS A 20 1.66 2.32 3.38
N ALA A 21 2.63 3.23 3.36
CA ALA A 21 2.35 4.63 3.64
C ALA A 21 2.78 5.52 2.48
N PHE A 22 1.94 6.51 2.17
CA PHE A 22 2.23 7.43 1.07
C PHE A 22 2.01 8.88 1.50
N THR A 23 2.74 9.79 0.88
CA THR A 23 2.62 11.21 1.20
C THR A 23 1.64 11.91 0.26
N ILE A 24 1.66 11.52 -1.01
CA ILE A 24 0.77 12.11 -2.00
C ILE A 24 -0.30 11.11 -2.45
N ARG A 25 -1.55 11.55 -2.43
CA ARG A 25 -2.66 10.69 -2.84
C ARG A 25 -2.35 9.98 -4.15
N SER A 26 -1.72 10.70 -5.08
CA SER A 26 -1.37 10.15 -6.38
C SER A 26 -0.38 9.01 -6.24
N ASN A 27 0.64 9.21 -5.40
CA ASN A 27 1.66 8.20 -5.17
C ASN A 27 1.04 6.89 -4.68
N LEU A 28 -0.08 7.01 -3.97
CA LEU A 28 -0.78 5.84 -3.45
C LEU A 28 -1.64 5.20 -4.53
N ILE A 29 -2.08 6.00 -5.50
CA ILE A 29 -2.91 5.51 -6.59
C ILE A 29 -2.11 4.60 -7.52
N LYS A 30 -0.91 5.06 -7.89
CA LYS A 30 -0.04 4.30 -8.79
C LYS A 30 0.30 2.94 -8.18
N HIS A 31 0.55 2.92 -6.87
CA HIS A 31 0.88 1.69 -6.18
C HIS A 31 -0.17 0.62 -6.44
N GLN A 32 -1.44 0.98 -6.29
CA GLN A 32 -2.54 0.05 -6.51
C GLN A 32 -2.23 -0.88 -7.67
N LYS A 33 -1.43 -0.41 -8.63
CA LYS A 33 -1.05 -1.19 -9.79
C LYS A 33 -0.40 -2.50 -9.37
N ILE A 34 0.61 -2.40 -8.49
CA ILE A 34 1.32 -3.58 -8.02
C ILE A 34 0.36 -4.57 -7.36
N HIS A 35 -0.81 -4.09 -6.96
CA HIS A 35 -1.81 -4.92 -6.32
C HIS A 35 -2.68 -5.62 -7.36
N THR A 36 -2.60 -5.15 -8.61
CA THR A 36 -3.38 -5.73 -9.69
C THR A 36 -2.50 -6.57 -10.61
N LYS A 37 -1.20 -6.55 -10.36
CA LYS A 37 -0.24 -7.31 -11.15
C LYS A 37 -0.22 -8.78 -10.73
N GLN A 38 -0.59 -9.03 -9.47
CA GLN A 38 -0.61 -10.39 -8.95
C GLN A 38 -1.29 -11.34 -9.93
N LYS A 39 -2.16 -10.80 -10.76
CA LYS A 39 -2.88 -11.60 -11.75
C LYS A 39 -1.93 -12.58 -12.45
N PRO A 40 -2.44 -13.78 -12.75
CA PRO A 40 -1.66 -14.82 -13.42
C PRO A 40 -1.36 -14.47 -14.88
N SER A 41 -0.86 -15.45 -15.63
CA SER A 41 -0.53 -15.24 -17.03
C SER A 41 0.50 -14.13 -17.19
N GLY A 42 1.52 -14.14 -16.31
CA GLY A 42 2.55 -13.14 -16.37
C GLY A 42 2.01 -11.77 -16.74
N PRO A 43 2.90 -10.90 -17.26
CA PRO A 43 2.53 -9.53 -17.67
C PRO A 43 1.65 -9.53 -18.91
N SER A 44 0.34 -9.66 -18.69
CA SER A 44 -0.62 -9.66 -19.80
C SER A 44 -0.88 -8.24 -20.29
N SER A 45 0.18 -7.48 -20.50
CA SER A 45 0.07 -6.11 -20.97
C SER A 45 0.24 -6.03 -22.49
N GLY A 46 0.04 -4.84 -23.04
CA GLY A 46 0.18 -4.65 -24.48
C GLY A 46 1.61 -4.80 -24.94
N GLY A 1 19.65 6.63 26.84
CA GLY A 1 20.09 5.98 25.62
C GLY A 1 19.29 4.73 25.32
N SER A 2 18.38 4.81 24.36
CA SER A 2 17.55 3.68 23.99
C SER A 2 17.45 3.57 22.47
N SER A 3 18.14 2.58 21.91
CA SER A 3 18.13 2.36 20.46
C SER A 3 17.33 1.12 20.11
N GLY A 4 16.02 1.29 19.96
CA GLY A 4 15.16 0.16 19.61
C GLY A 4 13.71 0.58 19.44
N SER A 5 13.50 1.73 18.80
CA SER A 5 12.16 2.24 18.56
C SER A 5 11.81 2.18 17.08
N SER A 6 11.30 1.03 16.65
CA SER A 6 10.93 0.83 15.25
C SER A 6 9.42 0.68 15.11
N GLY A 7 8.88 1.23 14.02
CA GLY A 7 7.44 1.15 13.79
C GLY A 7 6.74 2.46 14.11
N THR A 8 7.30 3.56 13.63
CA THR A 8 6.70 4.88 13.87
C THR A 8 6.74 5.73 12.60
N GLY A 9 5.63 6.39 12.31
CA GLY A 9 5.55 7.24 11.14
C GLY A 9 4.20 7.16 10.46
N GLU A 10 3.15 7.54 11.17
CA GLU A 10 1.80 7.50 10.63
C GLU A 10 1.65 8.50 9.49
N LYS A 11 1.01 8.07 8.42
CA LYS A 11 0.79 8.93 7.26
C LYS A 11 -0.70 9.10 6.97
N PRO A 12 -1.05 10.20 6.30
CA PRO A 12 -2.44 10.51 5.95
C PRO A 12 -2.99 9.58 4.88
N TYR A 13 -2.09 8.86 4.22
CA TYR A 13 -2.48 7.92 3.17
C TYR A 13 -1.76 6.59 3.32
N ILE A 14 -2.52 5.52 3.52
CA ILE A 14 -1.95 4.19 3.68
C ILE A 14 -2.75 3.15 2.89
N CYS A 15 -2.04 2.19 2.31
CA CYS A 15 -2.68 1.13 1.54
C CYS A 15 -3.21 0.03 2.44
N ALA A 16 -4.52 0.01 2.65
CA ALA A 16 -5.15 -0.99 3.50
C ALA A 16 -4.87 -2.40 2.97
N GLU A 17 -4.80 -2.53 1.65
CA GLU A 17 -4.54 -3.82 1.02
C GLU A 17 -3.36 -4.53 1.69
N CYS A 18 -2.17 -3.95 1.53
CA CYS A 18 -0.96 -4.52 2.11
C CYS A 18 -0.54 -3.75 3.36
N GLY A 19 -0.50 -2.43 3.24
CA GLY A 19 -0.12 -1.61 4.37
C GLY A 19 1.10 -0.76 4.08
N LYS A 20 0.99 0.13 3.10
CA LYS A 20 2.09 1.00 2.72
C LYS A 20 1.71 2.47 2.91
N ALA A 21 2.60 3.24 3.55
CA ALA A 21 2.36 4.65 3.78
C ALA A 21 2.94 5.50 2.66
N PHE A 22 2.18 6.52 2.25
CA PHE A 22 2.61 7.40 1.19
C PHE A 22 2.45 8.87 1.59
N THR A 23 3.22 9.75 0.95
CA THR A 23 3.16 11.18 1.24
C THR A 23 2.01 11.84 0.51
N ILE A 24 1.89 11.55 -0.78
CA ILE A 24 0.83 12.12 -1.60
C ILE A 24 -0.24 11.08 -1.93
N ARG A 25 -1.50 11.51 -1.91
CA ARG A 25 -2.61 10.61 -2.20
C ARG A 25 -2.44 9.97 -3.58
N SER A 26 -2.17 10.80 -4.58
CA SER A 26 -1.99 10.32 -5.95
C SER A 26 -0.87 9.29 -6.02
N ASN A 27 0.32 9.68 -5.55
CA ASN A 27 1.47 8.80 -5.56
C ASN A 27 1.07 7.37 -5.19
N LEU A 28 0.13 7.26 -4.26
CA LEU A 28 -0.36 5.95 -3.81
C LEU A 28 -1.14 5.25 -4.91
N ILE A 29 -2.18 5.92 -5.41
CA ILE A 29 -3.01 5.37 -6.46
C ILE A 29 -2.18 4.52 -7.43
N LYS A 30 -0.93 4.92 -7.65
CA LYS A 30 -0.04 4.20 -8.54
C LYS A 30 0.35 2.85 -7.95
N HIS A 31 0.76 2.86 -6.68
CA HIS A 31 1.16 1.64 -6.01
C HIS A 31 0.08 0.57 -6.13
N GLN A 32 -1.18 0.99 -6.06
CA GLN A 32 -2.31 0.07 -6.17
C GLN A 32 -2.10 -0.90 -7.33
N LYS A 33 -1.24 -0.52 -8.26
CA LYS A 33 -0.96 -1.35 -9.43
C LYS A 33 -0.50 -2.74 -9.01
N ILE A 34 0.29 -2.80 -7.93
CA ILE A 34 0.79 -4.06 -7.42
C ILE A 34 -0.35 -4.97 -6.98
N HIS A 35 -1.53 -4.40 -6.81
CA HIS A 35 -2.71 -5.16 -6.39
C HIS A 35 -3.61 -5.46 -7.58
N THR A 36 -3.32 -4.83 -8.71
CA THR A 36 -4.10 -5.02 -9.92
C THR A 36 -3.25 -5.63 -11.04
N LYS A 37 -3.45 -6.91 -11.29
CA LYS A 37 -2.70 -7.62 -12.33
C LYS A 37 -3.64 -8.19 -13.38
N GLN A 38 -3.07 -8.88 -14.37
CA GLN A 38 -3.86 -9.49 -15.42
C GLN A 38 -4.06 -10.98 -15.18
N LYS A 39 -5.11 -11.32 -14.43
CA LYS A 39 -5.41 -12.71 -14.12
C LYS A 39 -6.85 -13.05 -14.50
N PRO A 40 -7.02 -14.20 -15.17
CA PRO A 40 -8.35 -14.66 -15.60
C PRO A 40 -9.21 -15.10 -14.44
N SER A 41 -10.46 -15.46 -14.73
CA SER A 41 -11.40 -15.90 -13.71
C SER A 41 -11.01 -17.28 -13.17
N GLY A 42 -10.75 -17.34 -11.86
CA GLY A 42 -10.38 -18.60 -11.24
C GLY A 42 -10.77 -18.67 -9.78
N PRO A 43 -12.02 -19.11 -9.53
CA PRO A 43 -12.56 -19.24 -8.17
C PRO A 43 -11.89 -20.37 -7.39
N SER A 44 -11.33 -21.33 -8.12
CA SER A 44 -10.67 -22.47 -7.49
C SER A 44 -11.64 -23.24 -6.60
N SER A 45 -12.84 -23.48 -7.12
CA SER A 45 -13.86 -24.21 -6.36
C SER A 45 -14.16 -23.51 -5.04
N GLY A 46 -14.29 -22.18 -5.09
CA GLY A 46 -14.58 -21.42 -3.89
C GLY A 46 -13.86 -21.97 -2.68
N GLY A 1 15.86 -0.84 14.01
CA GLY A 1 16.53 -0.74 15.30
C GLY A 1 15.54 -0.55 16.44
N SER A 2 15.93 -1.00 17.63
CA SER A 2 15.07 -0.88 18.81
C SER A 2 15.14 0.52 19.40
N SER A 3 16.14 1.28 18.96
CA SER A 3 16.33 2.65 19.45
C SER A 3 16.58 3.61 18.29
N GLY A 4 15.51 4.13 17.72
CA GLY A 4 15.62 5.06 16.61
C GLY A 4 15.84 6.49 17.07
N SER A 5 15.14 7.42 16.43
CA SER A 5 15.25 8.84 16.78
C SER A 5 13.95 9.35 17.38
N SER A 6 12.85 9.16 16.67
CA SER A 6 11.55 9.61 17.14
C SER A 6 10.63 8.43 17.40
N GLY A 7 10.37 7.63 16.36
CA GLY A 7 9.51 6.48 16.51
C GLY A 7 8.91 6.02 15.20
N THR A 8 7.75 5.37 15.26
CA THR A 8 7.09 4.88 14.05
C THR A 8 6.75 6.02 13.11
N GLY A 9 6.19 7.10 13.66
CA GLY A 9 5.82 8.25 12.85
C GLY A 9 4.35 8.24 12.47
N GLU A 10 4.01 9.00 11.42
CA GLU A 10 2.63 9.08 10.97
C GLU A 10 2.57 9.25 9.45
N LYS A 11 1.39 9.03 8.88
CA LYS A 11 1.21 9.16 7.44
C LYS A 11 -0.24 9.50 7.11
N PRO A 12 -0.44 10.49 6.22
CA PRO A 12 -1.77 10.92 5.80
C PRO A 12 -2.48 9.88 4.94
N TYR A 13 -1.70 9.01 4.31
CA TYR A 13 -2.25 7.97 3.46
C TYR A 13 -1.60 6.62 3.75
N ILE A 14 -2.41 5.57 3.82
CA ILE A 14 -1.90 4.23 4.08
C ILE A 14 -2.70 3.18 3.32
N CYS A 15 -2.03 2.47 2.43
CA CYS A 15 -2.66 1.43 1.63
C CYS A 15 -3.41 0.44 2.52
N ALA A 16 -4.72 0.36 2.33
CA ALA A 16 -5.55 -0.55 3.10
C ALA A 16 -5.61 -1.93 2.47
N GLU A 17 -4.49 -2.35 1.89
CA GLU A 17 -4.40 -3.66 1.24
C GLU A 17 -3.21 -4.45 1.77
N CYS A 18 -2.07 -3.80 1.87
CA CYS A 18 -0.86 -4.45 2.36
C CYS A 18 -0.36 -3.76 3.63
N GLY A 19 -0.32 -2.44 3.62
CA GLY A 19 0.14 -1.70 4.78
C GLY A 19 1.00 -0.50 4.41
N LYS A 20 1.44 -0.47 3.15
CA LYS A 20 2.28 0.63 2.67
C LYS A 20 1.74 1.98 3.13
N ALA A 21 2.59 2.99 3.11
CA ALA A 21 2.20 4.33 3.53
C ALA A 21 2.77 5.38 2.58
N PHE A 22 1.90 6.24 2.07
CA PHE A 22 2.30 7.29 1.15
C PHE A 22 1.90 8.67 1.68
N THR A 23 2.51 9.71 1.14
CA THR A 23 2.21 11.08 1.55
C THR A 23 1.23 11.74 0.59
N ILE A 24 1.49 11.58 -0.71
CA ILE A 24 0.63 12.16 -1.74
C ILE A 24 -0.49 11.20 -2.13
N ARG A 25 -1.63 11.76 -2.50
CA ARG A 25 -2.78 10.95 -2.90
C ARG A 25 -2.45 10.11 -4.13
N SER A 26 -1.80 10.74 -5.10
CA SER A 26 -1.44 10.06 -6.35
C SER A 26 -0.38 8.98 -6.08
N ASN A 27 0.58 9.30 -5.21
CA ASN A 27 1.64 8.36 -4.87
C ASN A 27 1.06 6.99 -4.53
N LEU A 28 -0.10 6.98 -3.87
CA LEU A 28 -0.75 5.74 -3.48
C LEU A 28 -1.48 5.13 -4.67
N ILE A 29 -2.13 5.96 -5.46
CA ILE A 29 -2.87 5.50 -6.63
C ILE A 29 -2.01 4.59 -7.49
N LYS A 30 -0.77 5.01 -7.75
CA LYS A 30 0.15 4.24 -8.57
C LYS A 30 0.42 2.88 -7.93
N HIS A 31 0.65 2.87 -6.63
CA HIS A 31 0.92 1.62 -5.90
C HIS A 31 -0.15 0.58 -6.23
N GLN A 32 -1.41 0.99 -6.18
CA GLN A 32 -2.51 0.08 -6.46
C GLN A 32 -2.20 -0.80 -7.66
N LYS A 33 -1.30 -0.33 -8.52
CA LYS A 33 -0.91 -1.08 -9.71
C LYS A 33 -0.48 -2.50 -9.35
N ILE A 34 0.46 -2.60 -8.42
CA ILE A 34 0.96 -3.89 -7.99
C ILE A 34 -0.15 -4.73 -7.37
N HIS A 35 -1.24 -4.08 -6.99
CA HIS A 35 -2.38 -4.76 -6.40
C HIS A 35 -3.39 -5.17 -7.46
N THR A 36 -3.50 -4.35 -8.52
CA THR A 36 -4.43 -4.63 -9.60
C THR A 36 -3.86 -5.67 -10.56
N LYS A 37 -2.54 -5.67 -10.70
CA LYS A 37 -1.87 -6.62 -11.59
C LYS A 37 -0.84 -7.44 -10.83
N GLN A 38 -0.68 -8.69 -11.23
CA GLN A 38 0.27 -9.58 -10.58
C GLN A 38 1.65 -9.46 -11.22
N LYS A 39 1.68 -9.41 -12.55
CA LYS A 39 2.93 -9.30 -13.28
C LYS A 39 2.67 -9.12 -14.78
N PRO A 40 3.46 -8.26 -15.42
CA PRO A 40 3.34 -7.99 -16.86
C PRO A 40 3.77 -9.17 -17.72
N SER A 41 2.87 -10.14 -17.88
CA SER A 41 3.15 -11.32 -18.67
C SER A 41 4.51 -11.93 -18.29
N GLY A 42 4.77 -11.99 -16.99
CA GLY A 42 6.03 -12.53 -16.51
C GLY A 42 6.06 -14.05 -16.54
N PRO A 43 7.26 -14.63 -16.54
CA PRO A 43 7.45 -16.08 -16.58
C PRO A 43 7.03 -16.74 -15.27
N SER A 44 7.51 -16.20 -14.15
CA SER A 44 7.18 -16.73 -12.83
C SER A 44 7.10 -18.26 -12.88
N SER A 45 8.05 -18.88 -13.56
CA SER A 45 8.07 -20.33 -13.68
C SER A 45 8.87 -20.96 -12.55
N GLY A 46 10.14 -20.55 -12.44
CA GLY A 46 10.99 -21.08 -11.40
C GLY A 46 12.46 -21.13 -11.82
#